data_9FTR
#
_entry.id   9FTR
#
_cell.length_a   89.113
_cell.length_b   91.939
_cell.length_c   133.241
_cell.angle_alpha   90
_cell.angle_beta   90
_cell.angle_gamma   90
#
_symmetry.space_group_name_H-M   'P 21 21 21'
#
loop_
_entity.id
_entity.type
_entity.pdbx_description
1 polymer 'Alpha-mannosidase 2'
2 non-polymer 'amide modified swainsonine-configured alkyl indolizidine'
3 non-polymer 1,2-ETHANEDIOL
4 non-polymer 'ZINC ION'
5 water water
#
_entity_poly.entity_id   1
_entity_poly.type   'polypeptide(L)'
_entity_poly.pdbx_seq_one_letter_code
;DDPIRPPLKVARSPRPGQCQDVVQDVPNVDVQMLELYDRMSFKDIDGGVWKQGWNIKYDPLKYNAHHKLKVFVVPHSHND
PGWIQTFEEYYQHDTKHILSNALRHLHDNPEMKFIWAEISYFARFYHDLGENKKLQMKSIVKNGQLEFVTGGWVMPDEAN
SHWRNVLLQLTEGQTWLKQFMNVTPTASWAIDPFGHSPTMPYILQKSGFKNMLIQRTHYSVKKELAQQRQLEFLWRQIWD
NKGDTALFTHMMPFYSYDIPHTCGPDPKVCCQFDFKRMGSFGLSCPWKVPPRTISDQNVAARSDLLVDQWKKKAELYRTN
VLLIPLGDDFRFKQNTEWDVQRVNYERLFEHINSQAHFNVQAQFGTLQEYFDAVHQAERAGQAEFPTLSGDFFTYADRSD
NYWSGYYTSRPYHKRMDRVLMHYVRAAEMLSAWHSWDGMARIEERLEQARRELSLFQHHDGITGTAKTHVVVDYEQRMQE
ALKACQMVMQQSVYRLLTKPSIYSPDFSFSYFTLDDSRWPGSGVEDSRTTIILGEDILPSKHVVMHNTLPHWREQLVDFY
VSSPFVSVTDLANNPVEAQVSPVWSWHHDTLTKTIHPQGSTTKYRIIFKARVPPMGLATYVLTISDSKPEHTSYASNLLL
RKNPTSLPLGQYPEDVKFGDPREISLRVGNGPTLAFSEQGLLKSIQLTQDSPHVPVHFKFLKYGVRSHGDRSGAYLFLPN
GPASPVELGQPVVLVTKGKLESSVSVGLPSVVHQTIMRGGAPEIRNLVDIGSLDNTEIVMRLETHIDSGDIFYTDLNGLQ
FIKRRRLDKLPLQANYYPIPSGMFIEDANTRLTLLTGQPLGGSSLASGELEIMQDRRLASDDERGLGQGVLDNKPVLHIY
RLVLEKVNNCVRPSELHPAGYLTSAAHKASQSLLDPLDKFIFAENEWIGAQGQFGGDHPSAREDLDVSVMRRLTKSSAKT
QRVGYVLHRTNLMQCGTPEEHTQKLDVCHLLPNVARCERTTLTFLQNLEHLDGMVAPEVCPMETAAYVSSHSS
;
_entity_poly.pdbx_strand_id   A
#
# COMPACT_ATOMS: atom_id res chain seq x y z
N CYS A 19 18.85 10.70 18.76
CA CYS A 19 17.78 9.77 18.27
C CYS A 19 17.19 8.92 19.40
N GLN A 20 15.85 8.76 19.43
CA GLN A 20 15.15 7.90 20.37
C GLN A 20 15.58 6.44 20.25
N ASP A 21 15.47 5.70 21.36
CA ASP A 21 15.68 4.27 21.33
C ASP A 21 14.35 3.53 21.15
N VAL A 22 14.21 2.86 20.00
CA VAL A 22 12.94 2.30 19.56
C VAL A 22 12.78 0.83 20.02
N VAL A 23 13.77 0.32 20.76
CA VAL A 23 13.87 -1.10 21.15
C VAL A 23 13.71 -1.26 22.67
N GLN A 24 14.44 -0.42 23.45
CA GLN A 24 14.60 -0.60 24.89
C GLN A 24 13.38 -0.10 25.68
N ASP A 25 12.70 0.92 25.14
CA ASP A 25 11.86 1.81 25.89
C ASP A 25 10.43 1.64 25.40
N VAL A 26 9.54 1.28 26.33
CA VAL A 26 8.18 1.00 25.92
C VAL A 26 7.37 2.27 26.12
N PRO A 27 6.81 2.97 25.07
CA PRO A 27 6.11 4.24 25.30
C PRO A 27 4.96 4.12 26.31
N ASN A 28 4.65 5.20 27.05
CA ASN A 28 3.45 5.14 27.90
C ASN A 28 2.30 5.91 27.23
N VAL A 29 1.20 5.24 26.96
CA VAL A 29 0.08 5.87 26.32
C VAL A 29 -1.19 5.55 27.10
N ASP A 30 -2.15 6.46 27.06
CA ASP A 30 -3.43 6.14 27.68
C ASP A 30 -4.11 4.94 27.04
N VAL A 31 -4.15 4.88 25.70
CA VAL A 31 -4.72 3.74 24.99
C VAL A 31 -3.71 2.98 24.13
N GLN A 32 -3.40 1.73 24.47
CA GLN A 32 -2.56 0.92 23.57
C GLN A 32 -3.48 -0.15 22.93
N MET A 33 -3.59 -0.18 21.60
CA MET A 33 -4.66 -1.00 21.02
C MET A 33 -4.54 -2.51 21.32
N LEU A 34 -3.31 -3.06 21.41
CA LEU A 34 -3.17 -4.48 21.69
C LEU A 34 -3.68 -4.80 23.10
N GLU A 35 -3.37 -3.89 24.02
CA GLU A 35 -3.80 -3.99 25.40
C GLU A 35 -5.31 -3.75 25.56
N LEU A 36 -5.82 -2.69 24.91
CA LEU A 36 -7.24 -2.48 24.71
C LEU A 36 -7.92 -3.78 24.27
N TYR A 37 -7.47 -4.43 23.19
CA TYR A 37 -8.22 -5.56 22.66
C TYR A 37 -8.28 -6.72 23.65
N ASP A 38 -7.24 -6.80 24.49
CA ASP A 38 -7.08 -7.90 25.42
C ASP A 38 -8.12 -7.82 26.53
N ARG A 39 -8.51 -6.61 26.91
CA ARG A 39 -9.44 -6.39 27.99
C ARG A 39 -10.86 -6.27 27.49
N MET A 40 -11.02 -6.03 26.20
CA MET A 40 -12.37 -5.81 25.72
C MET A 40 -13.10 -7.14 25.64
N SER A 41 -14.41 -7.07 25.81
CA SER A 41 -15.24 -8.26 25.81
C SER A 41 -15.83 -8.44 24.41
N PHE A 42 -15.96 -7.34 23.69
CA PHE A 42 -16.45 -7.33 22.33
C PHE A 42 -17.91 -7.80 22.20
N LYS A 43 -18.69 -7.78 23.31
CA LYS A 43 -20.09 -8.22 23.36
C LYS A 43 -20.91 -7.33 22.43
N ASP A 44 -21.66 -7.94 21.52
CA ASP A 44 -22.50 -7.24 20.59
C ASP A 44 -23.90 -7.00 21.19
N ILE A 45 -24.06 -6.12 22.19
CA ILE A 45 -25.34 -5.84 22.89
C ILE A 45 -26.20 -4.87 22.08
N ASP A 46 -27.53 -5.00 22.22
CA ASP A 46 -28.46 -4.02 21.71
C ASP A 46 -28.43 -2.82 22.65
N GLY A 47 -27.93 -1.68 22.15
CA GLY A 47 -27.86 -0.40 22.84
C GLY A 47 -29.15 0.43 22.74
N GLY A 48 -30.10 0.05 21.85
CA GLY A 48 -31.29 0.86 21.63
C GLY A 48 -31.17 1.66 20.34
N VAL A 49 -31.54 2.96 20.35
CA VAL A 49 -31.74 3.70 19.09
C VAL A 49 -30.36 3.84 18.41
N TRP A 50 -29.32 3.96 19.26
CA TRP A 50 -27.91 3.72 18.95
C TRP A 50 -27.59 2.23 19.16
N LYS A 51 -27.72 1.46 18.06
CA LYS A 51 -27.82 0.00 18.14
C LYS A 51 -26.59 -0.59 18.82
N GLN A 52 -25.41 -0.03 18.47
CA GLN A 52 -24.09 -0.50 18.95
C GLN A 52 -23.53 0.35 20.10
N GLY A 53 -24.35 1.25 20.69
CA GLY A 53 -23.90 2.01 21.86
C GLY A 53 -24.78 1.85 23.10
N TRP A 54 -25.36 2.97 23.61
CA TRP A 54 -26.24 3.03 24.78
C TRP A 54 -27.09 4.28 24.65
N ASN A 55 -27.99 4.51 25.62
CA ASN A 55 -28.81 5.73 25.73
C ASN A 55 -28.03 6.91 26.32
N ILE A 56 -27.55 7.82 25.47
CA ILE A 56 -26.74 8.93 25.96
C ILE A 56 -27.61 9.81 26.84
N LYS A 57 -27.09 10.12 28.03
CA LYS A 57 -27.70 11.06 28.94
C LYS A 57 -26.72 12.24 29.04
N TYR A 58 -27.25 13.47 28.94
CA TYR A 58 -26.53 14.65 29.40
C TYR A 58 -27.39 15.42 30.41
N ASP A 59 -26.68 16.07 31.35
CA ASP A 59 -27.21 17.07 32.24
C ASP A 59 -27.55 18.36 31.48
N PRO A 60 -28.84 18.75 31.28
CA PRO A 60 -29.15 19.99 30.54
C PRO A 60 -28.65 21.31 31.16
N LEU A 61 -28.23 21.31 32.44
CA LEU A 61 -27.66 22.45 33.18
C LEU A 61 -26.15 22.66 32.97
N LYS A 62 -25.50 21.73 32.25
CA LYS A 62 -24.17 21.88 31.71
C LYS A 62 -24.10 23.14 30.84
N TYR A 63 -25.19 23.49 30.16
CA TYR A 63 -25.18 24.49 29.10
C TYR A 63 -25.83 25.74 29.63
N ASN A 64 -25.16 26.91 29.50
CA ASN A 64 -25.75 28.20 29.86
C ASN A 64 -25.12 29.26 28.96
N ALA A 65 -25.43 30.54 29.17
CA ALA A 65 -24.88 31.59 28.32
C ALA A 65 -23.35 31.71 28.44
N HIS A 66 -22.78 31.20 29.55
CA HIS A 66 -21.32 31.17 29.72
C HIS A 66 -20.68 29.93 29.10
N HIS A 67 -21.50 28.92 28.75
CA HIS A 67 -21.01 27.59 28.36
C HIS A 67 -21.93 27.06 27.27
N LYS A 68 -21.84 27.63 26.07
CA LYS A 68 -22.72 27.30 24.96
C LYS A 68 -22.13 26.13 24.18
N LEU A 69 -22.99 25.41 23.43
CA LEU A 69 -22.49 24.43 22.49
C LEU A 69 -22.25 25.17 21.15
N LYS A 70 -21.06 24.96 20.56
CA LYS A 70 -20.64 25.56 19.29
C LYS A 70 -20.66 24.47 18.22
N VAL A 71 -21.61 24.56 17.27
CA VAL A 71 -21.83 23.48 16.33
C VAL A 71 -21.40 23.87 14.91
N PHE A 72 -20.52 23.07 14.28
CA PHE A 72 -20.09 23.27 12.90
C PHE A 72 -20.71 22.19 12.01
N VAL A 73 -21.70 22.63 11.20
CA VAL A 73 -22.36 21.82 10.20
C VAL A 73 -21.48 21.90 8.93
N VAL A 74 -20.84 20.77 8.57
CA VAL A 74 -19.80 20.73 7.53
C VAL A 74 -20.31 19.95 6.31
N PRO A 75 -20.84 20.59 5.21
CA PRO A 75 -21.33 19.91 4.00
C PRO A 75 -20.14 19.29 3.26
N HIS A 76 -20.36 18.11 2.67
CA HIS A 76 -19.35 17.27 2.05
C HIS A 76 -20.09 16.39 1.04
N SER A 77 -19.34 15.75 0.15
CA SER A 77 -19.87 14.88 -0.90
C SER A 77 -18.83 13.78 -1.11
N HIS A 78 -19.08 12.53 -0.75
CA HIS A 78 -18.10 11.47 -0.97
C HIS A 78 -18.10 11.02 -2.44
N ASN A 79 -16.98 11.24 -3.13
CA ASN A 79 -16.77 10.95 -4.53
C ASN A 79 -15.76 9.80 -4.70
N ASP A 80 -16.18 8.60 -5.16
CA ASP A 80 -15.25 7.50 -5.45
C ASP A 80 -14.60 7.66 -6.83
N PRO A 81 -13.25 7.73 -6.98
CA PRO A 81 -12.58 7.66 -8.31
C PRO A 81 -12.53 6.27 -8.94
N GLY A 82 -13.68 5.60 -8.95
CA GLY A 82 -13.90 4.23 -9.38
C GLY A 82 -14.55 3.43 -8.27
N TRP A 83 -15.69 2.76 -8.56
CA TRP A 83 -16.29 1.71 -7.75
C TRP A 83 -17.29 0.89 -8.56
N ILE A 84 -18.55 1.37 -8.63
CA ILE A 84 -19.61 0.86 -9.49
C ILE A 84 -19.32 1.34 -10.93
N GLN A 85 -18.75 2.54 -11.05
CA GLN A 85 -18.44 3.17 -12.34
C GLN A 85 -16.95 3.52 -12.40
N THR A 86 -16.44 3.75 -13.63
CA THR A 86 -15.07 4.16 -13.81
C THR A 86 -14.95 5.62 -13.38
N PHE A 87 -13.70 6.06 -13.13
CA PHE A 87 -13.38 7.46 -12.93
C PHE A 87 -14.15 8.36 -13.93
N GLU A 88 -13.99 8.09 -15.25
CA GLU A 88 -14.59 8.93 -16.31
C GLU A 88 -16.12 8.89 -16.28
N GLU A 89 -16.70 7.71 -15.98
CA GLU A 89 -18.12 7.53 -15.92
C GLU A 89 -18.73 8.35 -14.80
N TYR A 90 -18.25 8.15 -13.57
CA TYR A 90 -18.71 9.01 -12.48
C TYR A 90 -18.51 10.51 -12.76
N TYR A 91 -17.38 10.87 -13.40
CA TYR A 91 -17.07 12.26 -13.66
C TYR A 91 -18.21 12.90 -14.48
N GLN A 92 -18.60 12.14 -15.51
CA GLN A 92 -19.49 12.57 -16.58
C GLN A 92 -20.91 12.62 -16.03
N HIS A 93 -21.24 11.65 -15.17
CA HIS A 93 -22.57 11.45 -14.64
C HIS A 93 -22.76 12.31 -13.41
N ASP A 94 -21.72 12.42 -12.54
CA ASP A 94 -21.98 12.92 -11.18
C ASP A 94 -21.13 14.11 -10.84
N THR A 95 -19.79 13.90 -10.83
CA THR A 95 -18.84 14.76 -10.15
C THR A 95 -18.75 16.14 -10.85
N LYS A 96 -18.80 16.16 -12.17
CA LYS A 96 -18.71 17.43 -12.87
C LYS A 96 -19.91 18.32 -12.52
N HIS A 97 -21.07 17.72 -12.31
CA HIS A 97 -22.27 18.48 -11.95
C HIS A 97 -22.11 18.97 -10.51
N ILE A 98 -21.50 18.13 -9.63
CA ILE A 98 -21.37 18.52 -8.24
C ILE A 98 -20.45 19.72 -8.13
N LEU A 99 -19.32 19.72 -8.87
CA LEU A 99 -18.39 20.82 -8.76
C LEU A 99 -18.87 22.12 -9.44
N SER A 100 -19.60 21.99 -10.57
CA SER A 100 -20.23 23.19 -11.18
C SER A 100 -21.20 23.86 -10.20
N ASN A 101 -22.00 23.04 -9.50
CA ASN A 101 -23.02 23.53 -8.56
C ASN A 101 -22.36 24.14 -7.34
N ALA A 102 -21.32 23.47 -6.86
CA ALA A 102 -20.58 23.97 -5.72
C ALA A 102 -20.09 25.36 -6.09
N LEU A 103 -19.45 25.46 -7.26
CA LEU A 103 -18.91 26.71 -7.74
C LEU A 103 -20.00 27.79 -7.79
N ARG A 104 -21.14 27.54 -8.46
CA ARG A 104 -22.31 28.45 -8.53
C ARG A 104 -22.89 28.78 -7.14
N HIS A 105 -23.23 27.75 -6.35
CA HIS A 105 -23.91 27.96 -5.07
C HIS A 105 -23.04 28.67 -4.06
N LEU A 106 -21.74 28.29 -3.88
CA LEU A 106 -20.87 28.99 -2.93
C LEU A 106 -20.68 30.46 -3.36
N HIS A 107 -20.48 30.66 -4.67
CA HIS A 107 -20.35 31.99 -5.24
C HIS A 107 -21.54 32.85 -4.82
N ASP A 108 -22.78 32.39 -5.03
CA ASP A 108 -23.93 33.24 -4.75
C ASP A 108 -24.29 33.26 -3.27
N ASN A 109 -23.67 32.44 -2.40
CA ASN A 109 -24.15 32.26 -1.04
C ASN A 109 -22.96 32.32 -0.09
N PRO A 110 -22.47 33.54 0.29
CA PRO A 110 -21.16 33.69 0.92
C PRO A 110 -20.96 32.95 2.26
N GLU A 111 -22.06 32.53 2.90
CA GLU A 111 -22.01 31.90 4.22
C GLU A 111 -22.05 30.37 4.08
N MET A 112 -22.46 29.87 2.90
CA MET A 112 -22.40 28.46 2.56
C MET A 112 -20.95 27.95 2.49
N LYS A 113 -20.73 26.72 2.98
CA LYS A 113 -19.41 26.09 3.08
C LYS A 113 -19.48 24.69 2.48
N PHE A 114 -18.31 24.14 2.11
CA PHE A 114 -18.19 22.86 1.43
C PHE A 114 -16.76 22.37 1.62
N ILE A 115 -16.60 21.06 1.87
CA ILE A 115 -15.26 20.51 1.92
C ILE A 115 -15.07 19.55 0.75
N TRP A 116 -13.82 19.38 0.27
CA TRP A 116 -13.52 18.51 -0.87
C TRP A 116 -12.28 17.66 -0.66
N ALA A 117 -12.41 16.34 -0.88
CA ALA A 117 -11.31 15.39 -0.64
C ALA A 117 -10.46 14.99 -1.89
N GLU A 118 -11.09 14.66 -3.02
CA GLU A 118 -10.40 13.82 -3.99
C GLU A 118 -9.85 14.69 -5.11
N ILE A 119 -8.54 14.85 -5.18
CA ILE A 119 -8.00 15.88 -6.05
C ILE A 119 -8.00 15.43 -7.51
N SER A 120 -7.96 14.09 -7.71
CA SER A 120 -8.12 13.57 -9.06
C SER A 120 -9.32 14.21 -9.80
N TYR A 121 -10.51 14.25 -9.18
CA TYR A 121 -11.69 14.84 -9.78
C TYR A 121 -11.67 16.37 -9.82
N PHE A 122 -11.10 17.01 -8.78
CA PHE A 122 -10.93 18.44 -8.81
C PHE A 122 -10.03 18.93 -9.95
N ALA A 123 -8.85 18.29 -10.13
CA ALA A 123 -7.94 18.61 -11.23
C ALA A 123 -8.69 18.43 -12.57
N ARG A 124 -9.30 17.25 -12.78
CA ARG A 124 -10.03 16.97 -14.00
C ARG A 124 -11.06 18.08 -14.31
N PHE A 125 -11.84 18.53 -13.31
CA PHE A 125 -12.86 19.55 -13.51
C PHE A 125 -12.21 20.92 -13.73
N TYR A 126 -11.21 21.24 -12.87
CA TYR A 126 -10.67 22.56 -12.99
C TYR A 126 -10.08 22.83 -14.38
N HIS A 127 -9.41 21.85 -14.98
CA HIS A 127 -8.77 22.09 -16.28
C HIS A 127 -9.82 22.34 -17.36
N ASP A 128 -11.07 21.91 -17.16
CA ASP A 128 -12.05 22.16 -18.18
C ASP A 128 -12.68 23.57 -18.08
N LEU A 129 -12.47 24.34 -17.01
CA LEU A 129 -13.09 25.66 -16.82
C LEU A 129 -12.51 26.78 -17.70
N GLY A 130 -13.34 27.78 -18.10
CA GLY A 130 -12.89 29.03 -18.72
C GLY A 130 -12.19 29.91 -17.68
N GLU A 131 -11.41 30.92 -18.10
CA GLU A 131 -10.63 31.75 -17.18
C GLU A 131 -11.48 32.32 -16.03
N ASN A 132 -12.67 32.77 -16.42
CA ASN A 132 -13.64 33.39 -15.57
C ASN A 132 -14.01 32.48 -14.39
N LYS A 133 -14.54 31.30 -14.70
CA LYS A 133 -14.85 30.26 -13.73
C LYS A 133 -13.62 29.86 -12.93
N LYS A 134 -12.44 29.78 -13.60
CA LYS A 134 -11.20 29.50 -12.88
C LYS A 134 -11.01 30.52 -11.77
N LEU A 135 -11.23 31.82 -12.11
CA LEU A 135 -10.91 32.86 -11.13
C LEU A 135 -11.96 32.89 -10.01
N GLN A 136 -13.23 32.71 -10.40
CA GLN A 136 -14.32 32.59 -9.43
C GLN A 136 -14.09 31.42 -8.45
N MET A 137 -13.59 30.30 -8.98
CA MET A 137 -13.25 29.14 -8.18
C MET A 137 -12.15 29.53 -7.20
N LYS A 138 -11.13 30.28 -7.67
CA LYS A 138 -10.01 30.66 -6.80
C LYS A 138 -10.51 31.56 -5.66
N SER A 139 -11.39 32.47 -6.00
CA SER A 139 -12.18 33.29 -5.07
C SER A 139 -12.79 32.53 -3.89
N ILE A 140 -13.56 31.44 -4.14
CA ILE A 140 -14.22 30.73 -3.03
C ILE A 140 -13.27 29.82 -2.25
N VAL A 141 -12.07 29.55 -2.79
CA VAL A 141 -11.03 28.81 -2.09
C VAL A 141 -10.33 29.87 -1.23
N LYS A 142 -10.07 31.05 -1.78
CA LYS A 142 -9.32 32.05 -1.04
C LYS A 142 -10.17 32.50 0.15
N ASN A 143 -11.47 32.70 -0.05
CA ASN A 143 -12.24 33.19 1.09
C ASN A 143 -12.55 32.05 2.08
N GLY A 144 -12.01 30.84 1.87
CA GLY A 144 -12.22 29.72 2.80
C GLY A 144 -13.60 29.07 2.69
N GLN A 145 -14.40 29.35 1.66
CA GLN A 145 -15.73 28.76 1.56
C GLN A 145 -15.65 27.29 1.11
N LEU A 146 -14.86 27.02 0.06
CA LEU A 146 -14.57 25.67 -0.39
C LEU A 146 -13.21 25.29 0.19
N GLU A 147 -13.17 24.25 1.05
CA GLU A 147 -11.90 23.94 1.74
C GLU A 147 -11.52 22.52 1.39
N PHE A 148 -10.26 22.33 0.92
CA PHE A 148 -9.76 21.01 0.55
C PHE A 148 -9.30 20.24 1.78
N VAL A 149 -9.74 18.97 1.91
CA VAL A 149 -9.38 18.17 3.08
C VAL A 149 -8.48 17.02 2.62
N THR A 150 -7.38 16.75 3.35
CA THR A 150 -6.30 15.81 2.96
C THR A 150 -5.64 16.34 1.70
N GLY A 151 -6.42 16.40 0.62
CA GLY A 151 -5.86 16.98 -0.60
C GLY A 151 -5.03 15.93 -1.35
N GLY A 152 -5.26 14.62 -1.06
CA GLY A 152 -4.64 13.55 -1.82
C GLY A 152 -5.31 13.42 -3.18
N TRP A 153 -4.61 12.76 -4.13
CA TRP A 153 -5.25 12.39 -5.38
C TRP A 153 -6.53 11.60 -5.11
N VAL A 154 -6.46 10.64 -4.16
CA VAL A 154 -7.62 9.84 -3.79
C VAL A 154 -7.74 9.85 -2.28
N MET A 155 -8.76 9.17 -1.75
CA MET A 155 -8.82 8.86 -0.31
C MET A 155 -8.39 7.41 -0.24
N PRO A 156 -7.11 7.09 -0.01
CA PRO A 156 -6.64 5.70 -0.18
C PRO A 156 -7.08 4.66 0.84
N ASP A 157 -7.08 3.42 0.39
CA ASP A 157 -7.06 2.26 1.26
C ASP A 157 -5.89 2.32 2.26
N GLU A 158 -6.07 1.73 3.45
CA GLU A 158 -5.03 1.90 4.45
C GLU A 158 -4.47 0.54 4.87
N ALA A 159 -5.07 -0.58 4.38
CA ALA A 159 -4.63 -1.95 4.71
C ALA A 159 -3.55 -2.44 3.74
N ASN A 160 -3.82 -2.31 2.44
CA ASN A 160 -3.05 -3.00 1.42
C ASN A 160 -1.99 -2.12 0.77
N SER A 161 -2.22 -0.81 0.97
CA SER A 161 -1.39 0.22 0.33
C SER A 161 0.01 0.21 0.92
N HIS A 162 1.01 0.37 0.02
CA HIS A 162 2.36 0.62 0.51
C HIS A 162 2.50 2.10 0.88
N TRP A 163 3.26 2.34 1.97
CA TRP A 163 3.54 3.70 2.44
C TRP A 163 4.06 4.62 1.34
N ARG A 164 4.86 4.10 0.41
CA ARG A 164 5.46 4.89 -0.64
C ARG A 164 4.34 5.42 -1.55
N ASN A 165 3.36 4.55 -1.80
CA ASN A 165 2.22 4.86 -2.66
C ASN A 165 1.24 5.82 -1.97
N VAL A 166 1.08 5.71 -0.62
CA VAL A 166 0.30 6.62 0.15
C VAL A 166 0.97 8.00 -0.01
N LEU A 167 2.31 8.02 0.14
CA LEU A 167 2.97 9.29 0.02
C LEU A 167 2.91 9.78 -1.43
N LEU A 168 2.97 8.87 -2.39
CA LEU A 168 2.89 9.29 -3.81
C LEU A 168 1.55 10.01 -4.14
N GLN A 169 0.42 9.39 -3.74
CA GLN A 169 -0.92 9.92 -4.05
C GLN A 169 -1.17 11.22 -3.33
N LEU A 170 -0.63 11.33 -2.08
CA LEU A 170 -0.66 12.57 -1.31
C LEU A 170 0.13 13.70 -1.98
N THR A 171 1.36 13.39 -2.36
CA THR A 171 2.23 14.38 -3.02
C THR A 171 1.58 14.88 -4.31
N GLU A 172 1.05 13.94 -5.11
CA GLU A 172 0.36 14.27 -6.33
C GLU A 172 -0.81 15.27 -6.19
N GLY A 173 -1.73 15.03 -5.21
CA GLY A 173 -2.84 15.93 -5.01
C GLY A 173 -2.38 17.27 -4.42
N GLN A 174 -1.47 17.23 -3.44
CA GLN A 174 -1.04 18.46 -2.80
C GLN A 174 -0.18 19.31 -3.74
N THR A 175 0.62 18.67 -4.62
CA THR A 175 1.42 19.41 -5.58
C THR A 175 0.49 20.20 -6.51
N TRP A 176 -0.48 19.46 -7.07
CA TRP A 176 -1.57 20.07 -7.84
C TRP A 176 -2.22 21.24 -7.04
N LEU A 177 -2.45 21.08 -5.74
CA LEU A 177 -3.17 22.13 -5.03
C LEU A 177 -2.30 23.35 -4.90
N LYS A 178 -1.06 23.16 -4.41
CA LYS A 178 -0.09 24.24 -4.30
C LYS A 178 0.09 24.89 -5.66
N GLN A 179 0.29 24.12 -6.73
CA GLN A 179 0.57 24.73 -8.04
C GLN A 179 -0.63 25.57 -8.52
N PHE A 180 -1.87 25.10 -8.32
CA PHE A 180 -3.01 25.68 -9.00
C PHE A 180 -3.83 26.59 -8.09
N MET A 181 -3.79 26.33 -6.78
CA MET A 181 -4.67 26.99 -5.84
C MET A 181 -3.87 27.69 -4.74
N ASN A 182 -2.53 27.57 -4.76
CA ASN A 182 -1.70 28.08 -3.67
C ASN A 182 -2.34 27.69 -2.32
N VAL A 183 -2.84 26.43 -2.13
CA VAL A 183 -3.24 25.99 -0.78
C VAL A 183 -2.62 24.61 -0.46
N THR A 184 -2.27 24.34 0.83
CA THR A 184 -1.84 23.04 1.35
C THR A 184 -2.71 22.68 2.57
N PRO A 185 -3.69 21.78 2.45
CA PRO A 185 -4.45 21.30 3.62
C PRO A 185 -3.57 20.79 4.76
N THR A 186 -4.01 21.05 6.00
CA THR A 186 -3.36 20.55 7.23
C THR A 186 -4.30 19.68 8.05
N ALA A 187 -5.51 19.44 7.54
CA ALA A 187 -6.51 18.55 8.13
C ALA A 187 -6.87 17.42 7.15
N SER A 188 -6.95 16.19 7.68
CA SER A 188 -7.21 15.08 6.79
C SER A 188 -8.61 14.55 7.02
N TRP A 189 -9.22 14.00 5.95
CA TRP A 189 -10.59 13.45 6.04
C TRP A 189 -10.60 12.05 5.43
N ALA A 190 -10.81 11.03 6.24
CA ALA A 190 -10.74 9.67 5.73
C ALA A 190 -11.95 8.90 6.30
N ILE A 191 -13.08 9.03 5.57
CA ILE A 191 -14.40 8.63 6.08
C ILE A 191 -14.74 7.20 5.67
N ASP A 192 -14.08 6.69 4.63
CA ASP A 192 -14.50 5.49 3.93
C ASP A 192 -13.53 4.29 3.98
N PRO A 193 -12.19 4.37 4.16
CA PRO A 193 -11.34 3.14 4.20
C PRO A 193 -11.78 2.18 5.33
N PHE A 194 -11.52 0.89 5.14
CA PHE A 194 -12.23 -0.14 5.92
C PHE A 194 -11.29 -0.56 7.05
N GLY A 195 -11.16 0.28 8.08
CA GLY A 195 -10.00 0.14 8.95
C GLY A 195 -8.97 1.22 8.72
N HIS A 196 -8.30 1.64 9.81
CA HIS A 196 -7.30 2.72 9.71
C HIS A 196 -5.97 2.27 10.24
N SER A 197 -4.93 2.70 9.48
CA SER A 197 -3.51 2.52 9.72
C SER A 197 -2.84 3.72 10.40
N PRO A 198 -1.93 3.52 11.39
CA PRO A 198 -1.08 4.60 11.93
C PRO A 198 -0.01 5.11 10.94
N THR A 199 0.14 4.42 9.81
CA THR A 199 0.94 4.95 8.71
C THR A 199 0.41 6.32 8.25
N MET A 200 -0.92 6.52 8.28
CA MET A 200 -1.51 7.80 7.86
C MET A 200 -1.06 8.93 8.77
N PRO A 201 -1.24 8.93 10.12
CA PRO A 201 -0.66 10.01 10.94
C PRO A 201 0.84 10.12 10.74
N TYR A 202 1.50 8.98 10.50
CA TYR A 202 2.94 9.05 10.37
C TYR A 202 3.32 9.92 9.17
N ILE A 203 2.68 9.69 8.01
CA ILE A 203 3.05 10.42 6.81
C ILE A 203 2.52 11.85 6.93
N LEU A 204 1.27 11.95 7.45
CA LEU A 204 0.61 13.25 7.46
C LEU A 204 1.37 14.23 8.38
N GLN A 205 1.82 13.78 9.56
CA GLN A 205 2.54 14.66 10.47
C GLN A 205 3.90 15.08 9.91
N LYS A 206 4.52 14.22 9.07
CA LYS A 206 5.76 14.58 8.36
C LYS A 206 5.49 15.41 7.09
N SER A 207 4.23 15.73 6.81
CA SER A 207 3.82 16.50 5.65
C SER A 207 3.02 17.69 6.15
N GLY A 208 3.25 18.13 7.39
CA GLY A 208 2.79 19.46 7.84
C GLY A 208 1.36 19.46 8.39
N PHE A 209 0.71 18.29 8.44
CA PHE A 209 -0.67 18.21 8.90
C PHE A 209 -0.74 18.49 10.39
N LYS A 210 -1.88 19.02 10.85
CA LYS A 210 -2.11 19.34 12.26
C LYS A 210 -3.19 18.42 12.85
N ASN A 211 -4.10 17.88 12.00
CA ASN A 211 -5.19 17.04 12.50
C ASN A 211 -5.68 16.07 11.42
N MET A 212 -6.42 15.04 11.87
CA MET A 212 -6.99 14.08 10.92
C MET A 212 -8.26 13.46 11.51
N LEU A 213 -9.10 12.96 10.60
CA LEU A 213 -10.41 12.41 10.94
C LEU A 213 -10.54 11.01 10.34
N ILE A 214 -11.11 10.09 11.13
CA ILE A 214 -11.32 8.70 10.75
C ILE A 214 -12.74 8.29 11.12
N GLN A 215 -13.24 7.24 10.45
CA GLN A 215 -14.63 6.76 10.54
C GLN A 215 -14.73 5.26 10.83
N ARG A 216 -14.04 4.45 10.02
CA ARG A 216 -14.38 3.02 9.94
C ARG A 216 -13.57 2.26 10.97
N THR A 217 -14.03 2.27 12.22
CA THR A 217 -13.35 1.42 13.22
C THR A 217 -14.43 0.48 13.80
N HIS A 218 -14.00 -0.68 14.36
CA HIS A 218 -14.88 -1.71 14.92
C HIS A 218 -15.95 -1.04 15.81
N TYR A 219 -17.23 -1.35 15.64
CA TYR A 219 -18.28 -0.78 16.50
C TYR A 219 -17.97 -0.96 18.00
N SER A 220 -17.36 -2.08 18.33
CA SER A 220 -17.09 -2.33 19.73
C SER A 220 -15.96 -1.39 20.24
N VAL A 221 -15.00 -1.05 19.39
CA VAL A 221 -13.97 -0.05 19.75
C VAL A 221 -14.54 1.37 19.94
N LYS A 222 -15.41 1.82 19.02
CA LYS A 222 -16.19 3.05 19.18
C LYS A 222 -16.98 3.06 20.51
N LYS A 223 -17.57 1.94 20.91
CA LYS A 223 -18.30 1.94 22.19
C LYS A 223 -17.33 2.18 23.34
N GLU A 224 -16.19 1.45 23.32
CA GLU A 224 -15.26 1.49 24.42
C GLU A 224 -14.69 2.87 24.62
N LEU A 225 -14.22 3.47 23.50
CA LEU A 225 -13.64 4.81 23.49
C LEU A 225 -14.71 5.83 23.84
N ALA A 226 -15.90 5.67 23.23
CA ALA A 226 -16.99 6.64 23.47
C ALA A 226 -17.28 6.75 24.97
N GLN A 227 -17.25 5.58 25.66
CA GLN A 227 -17.56 5.53 27.09
C GLN A 227 -16.56 6.33 27.93
N GLN A 228 -15.31 6.51 27.47
CA GLN A 228 -14.30 7.30 28.19
C GLN A 228 -13.98 8.64 27.53
N ARG A 229 -14.74 9.05 26.52
CA ARG A 229 -14.48 10.29 25.78
C ARG A 229 -13.05 10.27 25.23
N GLN A 230 -12.69 9.14 24.60
CA GLN A 230 -11.39 8.97 23.97
C GLN A 230 -11.53 8.85 22.46
N LEU A 231 -12.56 9.51 21.95
CA LEU A 231 -12.79 9.57 20.52
C LEU A 231 -11.88 10.60 19.83
N GLU A 232 -11.38 11.57 20.57
CA GLU A 232 -10.32 12.43 20.09
C GLU A 232 -9.06 12.08 20.88
N PHE A 233 -7.95 11.93 20.17
CA PHE A 233 -6.75 11.38 20.80
C PHE A 233 -5.53 11.86 20.02
N LEU A 234 -4.41 11.86 20.72
CA LEU A 234 -3.18 12.24 20.07
C LEU A 234 -2.61 10.92 19.66
N TRP A 235 -2.55 10.69 18.34
CA TRP A 235 -2.22 9.37 17.84
C TRP A 235 -0.71 9.36 17.54
N ARG A 236 0.06 8.56 18.33
CA ARG A 236 1.48 8.42 18.08
C ARG A 236 1.91 7.03 17.57
N GLN A 237 3.14 6.95 16.99
CA GLN A 237 3.68 5.67 16.54
C GLN A 237 3.87 4.69 17.71
N ILE A 238 3.71 3.38 17.47
CA ILE A 238 3.85 2.38 18.54
C ILE A 238 5.24 2.33 19.21
N TRP A 239 6.32 2.83 18.56
CA TRP A 239 7.68 2.88 19.13
C TRP A 239 8.03 4.26 19.71
N ASP A 240 7.12 5.24 19.59
CA ASP A 240 7.45 6.62 19.87
C ASP A 240 7.34 6.96 21.37
N ASN A 241 8.50 7.09 22.07
CA ASN A 241 8.58 7.26 23.52
C ASN A 241 8.23 8.67 23.93
N LYS A 242 8.83 9.66 23.24
CA LYS A 242 8.71 11.11 23.35
C LYS A 242 7.33 11.64 22.94
N GLY A 243 6.76 11.17 21.82
CA GLY A 243 5.51 11.70 21.32
C GLY A 243 5.65 12.74 20.21
N ASP A 244 6.88 12.91 19.68
CA ASP A 244 7.18 13.63 18.44
C ASP A 244 6.31 13.33 17.21
N THR A 245 5.84 12.09 17.06
CA THR A 245 5.04 11.69 15.90
C THR A 245 3.56 12.00 16.03
N ALA A 246 3.09 12.39 17.25
CA ALA A 246 1.67 12.42 17.62
C ALA A 246 0.88 13.26 16.63
N LEU A 247 -0.31 12.78 16.17
CA LEU A 247 -1.24 13.62 15.43
C LEU A 247 -2.62 13.59 16.08
N PHE A 248 -3.23 14.78 16.18
CA PHE A 248 -4.56 14.84 16.75
C PHE A 248 -5.54 14.17 15.79
N THR A 249 -6.29 13.21 16.33
CA THR A 249 -7.23 12.43 15.54
C THR A 249 -8.63 12.54 16.18
N HIS A 250 -9.62 12.84 15.32
CA HIS A 250 -11.03 12.65 15.61
C HIS A 250 -11.57 11.39 14.92
N MET A 251 -12.06 10.42 15.74
CA MET A 251 -12.82 9.25 15.31
C MET A 251 -14.28 9.60 15.50
N MET A 252 -15.02 9.53 14.38
CA MET A 252 -16.45 9.76 14.43
C MET A 252 -17.08 8.58 15.20
N PRO A 253 -18.21 8.78 15.91
CA PRO A 253 -18.76 7.76 16.85
C PRO A 253 -19.74 6.68 16.37
N PHE A 254 -20.33 6.83 15.16
CA PHE A 254 -21.51 6.05 14.78
C PHE A 254 -21.20 5.18 13.57
N TYR A 255 -22.23 4.53 13.01
CA TYR A 255 -22.06 3.43 12.10
C TYR A 255 -21.59 3.92 10.73
N SER A 256 -21.92 5.18 10.38
CA SER A 256 -21.67 5.63 9.00
C SER A 256 -21.34 7.11 9.02
N TYR A 257 -20.92 7.61 7.85
CA TYR A 257 -20.68 9.03 7.66
C TYR A 257 -21.91 9.73 7.06
N ASP A 258 -23.01 9.02 6.79
CA ASP A 258 -24.14 9.62 6.10
C ASP A 258 -24.97 10.44 7.11
N ILE A 259 -25.97 11.18 6.60
CA ILE A 259 -26.68 12.10 7.48
C ILE A 259 -27.37 11.38 8.64
N PRO A 260 -28.10 10.25 8.44
CA PRO A 260 -28.68 9.49 9.56
C PRO A 260 -27.65 9.16 10.65
N HIS A 261 -26.39 9.00 10.26
CA HIS A 261 -25.46 8.59 11.30
C HIS A 261 -24.49 9.70 11.73
N THR A 262 -24.76 10.97 11.37
CA THR A 262 -23.78 12.00 11.74
C THR A 262 -24.31 13.13 12.66
N CYS A 263 -25.64 13.26 12.84
CA CYS A 263 -26.23 14.36 13.57
C CYS A 263 -26.25 14.01 15.07
N GLY A 264 -26.14 12.74 15.45
CA GLY A 264 -26.41 12.39 16.84
C GLY A 264 -26.76 10.92 16.95
N PRO A 265 -27.11 10.37 18.15
CA PRO A 265 -27.31 8.92 18.29
C PRO A 265 -28.45 8.12 17.65
N ASP A 266 -29.47 8.84 17.19
CA ASP A 266 -30.72 8.19 16.82
C ASP A 266 -30.97 8.50 15.36
N PRO A 267 -30.66 7.50 14.50
CA PRO A 267 -30.71 7.66 13.05
C PRO A 267 -32.11 7.98 12.56
N LYS A 268 -33.13 7.51 13.31
CA LYS A 268 -34.52 7.83 12.99
C LYS A 268 -34.83 9.33 13.05
N VAL A 269 -34.25 10.00 14.04
CA VAL A 269 -34.30 11.45 14.16
C VAL A 269 -33.42 12.12 13.10
N CYS A 270 -32.13 11.72 12.98
CA CYS A 270 -31.13 12.39 12.13
C CYS A 270 -31.55 12.41 10.67
N CYS A 271 -32.12 11.28 10.24
CA CYS A 271 -32.60 11.12 8.89
C CYS A 271 -33.63 12.19 8.51
N GLN A 272 -34.38 12.74 9.50
CA GLN A 272 -35.36 13.80 9.23
C GLN A 272 -34.69 15.14 8.90
N PHE A 273 -33.33 15.22 9.01
CA PHE A 273 -32.54 16.43 8.79
C PHE A 273 -31.63 16.29 7.55
N ASP A 274 -31.97 15.34 6.69
CA ASP A 274 -31.41 15.15 5.39
C ASP A 274 -32.50 15.57 4.43
N PHE A 275 -32.43 16.86 4.09
CA PHE A 275 -33.51 17.51 3.37
C PHE A 275 -33.58 17.02 1.93
N LYS A 276 -32.62 16.16 1.50
CA LYS A 276 -32.71 15.59 0.14
C LYS A 276 -33.68 14.40 0.16
N ARG A 277 -34.11 13.88 1.32
CA ARG A 277 -35.00 12.73 1.31
C ARG A 277 -36.51 13.08 1.31
N MET A 278 -36.96 14.15 0.63
CA MET A 278 -38.36 14.59 0.44
C MET A 278 -38.61 14.76 -1.07
N GLY A 282 -35.48 11.34 -5.36
CA GLY A 282 -36.40 10.28 -4.88
C GLY A 282 -35.77 9.35 -3.83
N LEU A 283 -35.56 9.89 -2.62
CA LEU A 283 -34.94 9.18 -1.52
C LEU A 283 -35.84 9.31 -0.29
N SER A 284 -35.73 8.36 0.65
CA SER A 284 -36.65 8.28 1.79
C SER A 284 -35.88 7.82 3.01
N CYS A 285 -36.58 7.71 4.13
CA CYS A 285 -35.93 7.40 5.39
C CYS A 285 -36.26 5.95 5.76
N PRO A 286 -35.28 5.01 5.81
CA PRO A 286 -35.52 3.65 6.31
C PRO A 286 -36.34 3.52 7.57
N TRP A 287 -36.28 4.50 8.47
CA TRP A 287 -36.94 4.46 9.76
C TRP A 287 -38.37 4.97 9.61
N LYS A 288 -38.77 5.35 8.38
CA LYS A 288 -40.15 5.69 7.97
C LYS A 288 -40.64 7.01 8.58
N VAL A 289 -39.74 7.89 9.00
CA VAL A 289 -40.10 9.24 9.35
C VAL A 289 -39.42 10.19 8.36
N PRO A 290 -40.21 10.88 7.53
CA PRO A 290 -39.67 11.76 6.49
C PRO A 290 -39.15 13.05 7.13
N PRO A 291 -38.23 13.77 6.42
CA PRO A 291 -37.90 15.14 6.78
C PRO A 291 -39.09 16.01 6.49
N ARG A 292 -39.16 17.16 7.12
CA ARG A 292 -40.21 18.14 6.83
C ARG A 292 -39.56 19.50 6.61
N THR A 293 -40.09 20.25 5.62
CA THR A 293 -39.63 21.61 5.41
C THR A 293 -39.72 22.34 6.74
N ILE A 294 -38.72 23.18 7.05
CA ILE A 294 -38.73 23.97 8.25
C ILE A 294 -39.55 25.24 7.97
N SER A 295 -40.50 25.53 8.87
CA SER A 295 -41.36 26.71 8.72
C SER A 295 -41.52 27.35 10.09
N ASP A 296 -42.23 28.50 10.10
CA ASP A 296 -42.53 29.18 11.36
C ASP A 296 -43.41 28.29 12.22
N GLN A 297 -44.17 27.36 11.60
CA GLN A 297 -45.10 26.43 12.24
C GLN A 297 -44.31 25.41 13.09
N ASN A 298 -43.17 24.92 12.60
CA ASN A 298 -42.59 23.73 13.20
C ASN A 298 -41.19 24.01 13.76
N VAL A 299 -40.71 25.25 13.57
CA VAL A 299 -39.27 25.47 13.74
C VAL A 299 -38.82 25.16 15.18
N ALA A 300 -39.64 25.57 16.15
CA ALA A 300 -39.38 25.34 17.58
C ALA A 300 -39.22 23.83 17.88
N ALA A 301 -40.04 23.01 17.23
CA ALA A 301 -40.15 21.60 17.51
C ALA A 301 -39.00 20.85 16.81
N ARG A 302 -38.74 21.26 15.57
CA ARG A 302 -37.67 20.66 14.77
C ARG A 302 -36.34 20.98 15.43
N SER A 303 -36.15 22.25 15.85
CA SER A 303 -34.94 22.70 16.51
C SER A 303 -34.70 21.90 17.77
N ASP A 304 -35.75 21.73 18.59
CA ASP A 304 -35.65 21.02 19.86
C ASP A 304 -35.14 19.59 19.66
N LEU A 305 -35.72 18.86 18.69
CA LEU A 305 -35.42 17.50 18.30
C LEU A 305 -33.95 17.41 17.88
N LEU A 306 -33.52 18.35 17.02
CA LEU A 306 -32.16 18.32 16.47
C LEU A 306 -31.12 18.67 17.53
N VAL A 307 -31.35 19.77 18.25
CA VAL A 307 -30.35 20.11 19.25
C VAL A 307 -30.22 19.00 20.31
N ASP A 308 -31.32 18.35 20.64
CA ASP A 308 -31.21 17.22 21.57
C ASP A 308 -30.20 16.16 21.09
N GLN A 309 -30.30 15.76 19.80
CA GLN A 309 -29.34 14.94 19.03
C GLN A 309 -27.89 15.43 19.19
N TRP A 310 -27.66 16.72 18.87
CA TRP A 310 -26.37 17.38 18.99
C TRP A 310 -25.81 17.25 20.38
N LYS A 311 -26.60 17.66 21.38
CA LYS A 311 -26.11 17.58 22.76
C LYS A 311 -25.84 16.12 23.16
N LYS A 312 -26.54 15.16 22.57
CA LYS A 312 -26.21 13.77 22.90
C LYS A 312 -24.83 13.43 22.31
N LYS A 313 -24.53 13.91 21.10
CA LYS A 313 -23.25 13.61 20.46
C LYS A 313 -22.12 14.28 21.20
N ALA A 314 -22.33 15.52 21.61
CA ALA A 314 -21.32 16.32 22.30
C ALA A 314 -20.90 15.70 23.62
N GLU A 315 -21.82 14.96 24.26
CA GLU A 315 -21.50 14.29 25.52
C GLU A 315 -20.36 13.29 25.32
N LEU A 316 -20.20 12.74 24.11
CA LEU A 316 -19.12 11.82 23.77
C LEU A 316 -17.76 12.49 23.59
N TYR A 317 -17.67 13.84 23.67
CA TYR A 317 -16.44 14.53 23.33
C TYR A 317 -16.07 15.44 24.49
N ARG A 318 -14.79 15.76 24.60
CA ARG A 318 -14.37 16.57 25.73
C ARG A 318 -14.59 18.08 25.57
N THR A 319 -14.94 18.66 24.39
CA THR A 319 -15.06 20.11 24.35
C THR A 319 -16.53 20.43 24.12
N ASN A 320 -16.88 21.75 24.12
CA ASN A 320 -18.20 22.27 23.79
C ASN A 320 -18.24 22.64 22.31
N VAL A 321 -17.23 22.20 21.54
CA VAL A 321 -17.18 22.28 20.08
C VAL A 321 -17.54 20.91 19.46
N LEU A 322 -18.54 20.94 18.57
CA LEU A 322 -19.16 19.77 17.97
C LEU A 322 -19.05 19.84 16.45
N LEU A 323 -18.58 18.71 15.88
CA LEU A 323 -18.51 18.43 14.45
C LEU A 323 -19.73 17.63 13.98
N ILE A 324 -20.48 18.29 13.08
CA ILE A 324 -21.64 17.71 12.40
C ILE A 324 -21.45 17.70 10.90
N PRO A 325 -20.89 16.59 10.37
CA PRO A 325 -20.85 16.39 8.91
C PRO A 325 -22.27 16.33 8.31
N LEU A 326 -22.39 16.91 7.12
CA LEU A 326 -23.64 16.96 6.34
C LEU A 326 -23.35 16.56 4.89
N GLY A 327 -23.37 15.25 4.66
CA GLY A 327 -23.61 14.75 3.33
C GLY A 327 -23.48 13.24 3.23
N ASP A 328 -23.15 12.80 2.00
CA ASP A 328 -23.35 11.44 1.52
C ASP A 328 -22.62 11.26 0.19
N ASP A 329 -22.64 10.03 -0.35
CA ASP A 329 -22.08 9.75 -1.67
C ASP A 329 -22.66 10.60 -2.78
N PHE A 330 -21.74 11.21 -3.52
CA PHE A 330 -22.07 12.05 -4.67
C PHE A 330 -23.25 13.01 -4.34
N ARG A 331 -23.31 13.55 -3.11
CA ARG A 331 -24.30 14.59 -2.78
C ARG A 331 -23.95 15.95 -3.38
N PHE A 332 -24.92 16.88 -3.35
CA PHE A 332 -24.71 18.26 -3.80
C PHE A 332 -24.52 18.32 -5.31
N LYS A 333 -25.22 17.40 -6.01
CA LYS A 333 -25.19 17.34 -7.45
C LYS A 333 -26.20 18.31 -8.12
N GLN A 334 -27.39 18.48 -7.55
CA GLN A 334 -28.40 19.31 -8.18
C GLN A 334 -28.49 20.65 -7.48
N ASN A 335 -28.85 21.68 -8.26
CA ASN A 335 -29.07 23.05 -7.82
C ASN A 335 -30.04 23.00 -6.64
N THR A 336 -31.11 22.18 -6.75
CA THR A 336 -32.18 22.21 -5.78
C THR A 336 -31.81 21.47 -4.48
N GLU A 337 -30.90 20.47 -4.55
CA GLU A 337 -30.32 19.89 -3.35
C GLU A 337 -29.53 20.95 -2.57
N TRP A 338 -28.69 21.76 -3.24
CA TRP A 338 -28.02 22.87 -2.56
C TRP A 338 -29.05 23.80 -1.87
N ASP A 339 -30.18 24.14 -2.50
CA ASP A 339 -31.14 25.01 -1.82
C ASP A 339 -31.86 24.35 -0.65
N VAL A 340 -32.35 23.14 -0.85
CA VAL A 340 -33.15 22.49 0.15
C VAL A 340 -32.30 22.26 1.40
N GLN A 341 -31.01 21.88 1.23
CA GLN A 341 -30.12 21.69 2.35
C GLN A 341 -29.85 23.05 2.99
N ARG A 342 -29.36 24.02 2.21
CA ARG A 342 -28.94 25.32 2.73
C ARG A 342 -30.07 26.07 3.48
N VAL A 343 -31.25 26.19 2.84
CA VAL A 343 -32.36 27.02 3.35
C VAL A 343 -32.99 26.44 4.63
N ASN A 344 -33.28 25.12 4.67
CA ASN A 344 -33.75 24.44 5.86
C ASN A 344 -32.76 24.59 7.02
N TYR A 345 -31.45 24.36 6.79
CA TYR A 345 -30.51 24.49 7.92
C TYR A 345 -30.41 25.95 8.35
N GLU A 346 -30.48 26.90 7.39
CA GLU A 346 -30.49 28.32 7.72
C GLU A 346 -31.63 28.73 8.64
N ARG A 347 -32.84 28.24 8.34
CA ARG A 347 -34.02 28.44 9.18
C ARG A 347 -33.79 27.91 10.58
N LEU A 348 -33.17 26.70 10.67
CA LEU A 348 -32.84 26.03 11.93
C LEU A 348 -31.88 26.90 12.70
N PHE A 349 -30.83 27.41 12.01
CA PHE A 349 -29.76 28.14 12.69
C PHE A 349 -30.30 29.48 13.19
N GLU A 350 -31.09 30.15 12.31
CA GLU A 350 -31.62 31.45 12.69
C GLU A 350 -32.50 31.28 13.92
N HIS A 351 -33.24 30.17 13.97
CA HIS A 351 -34.14 29.98 15.12
C HIS A 351 -33.29 29.64 16.34
N ILE A 352 -32.43 28.61 16.19
CA ILE A 352 -31.63 28.11 17.31
C ILE A 352 -30.83 29.26 17.93
N ASN A 353 -30.18 30.11 17.11
CA ASN A 353 -29.19 31.08 17.62
C ASN A 353 -29.90 32.28 18.27
N SER A 354 -31.11 32.57 17.81
CA SER A 354 -31.94 33.66 18.36
C SER A 354 -32.61 33.27 19.66
N GLN A 355 -32.58 31.98 20.07
CA GLN A 355 -33.29 31.57 21.29
C GLN A 355 -32.31 31.12 22.37
N ALA A 356 -32.20 31.97 23.38
CA ALA A 356 -31.26 31.77 24.46
C ALA A 356 -31.41 30.42 25.17
N HIS A 357 -32.64 29.82 25.28
CA HIS A 357 -32.80 28.60 26.07
C HIS A 357 -31.99 27.43 25.45
N PHE A 358 -31.70 27.47 24.13
CA PHE A 358 -30.86 26.39 23.58
C PHE A 358 -29.41 26.43 24.07
N ASN A 359 -28.85 27.65 24.27
CA ASN A 359 -27.43 27.85 24.57
C ASN A 359 -26.56 27.20 23.46
N VAL A 360 -26.92 27.49 22.21
CA VAL A 360 -26.21 26.93 21.07
C VAL A 360 -25.88 28.07 20.13
N GLN A 361 -24.62 28.05 19.61
CA GLN A 361 -24.31 28.74 18.35
C GLN A 361 -24.09 27.70 17.24
N ALA A 362 -24.97 27.70 16.22
CA ALA A 362 -24.87 26.78 15.10
C ALA A 362 -24.60 27.51 13.78
N GLN A 363 -23.78 26.89 12.88
CA GLN A 363 -23.52 27.49 11.55
C GLN A 363 -22.89 26.47 10.61
N PHE A 364 -23.01 26.75 9.30
CA PHE A 364 -22.10 26.11 8.33
C PHE A 364 -20.60 26.41 8.59
N GLY A 365 -19.75 25.38 8.46
CA GLY A 365 -18.35 25.51 8.78
C GLY A 365 -17.52 24.51 7.97
N THR A 366 -16.18 24.65 8.08
CA THR A 366 -15.31 23.67 7.44
C THR A 366 -14.62 22.79 8.48
N LEU A 367 -13.94 21.72 8.00
CA LEU A 367 -13.21 20.80 8.85
C LEU A 367 -12.14 21.53 9.66
N GLN A 368 -11.39 22.41 9.00
N GLN A 368 -11.36 22.39 8.99
CA GLN A 368 -10.29 23.09 9.67
CA GLN A 368 -10.29 23.13 9.65
C GLN A 368 -10.83 24.07 10.72
C GLN A 368 -10.85 24.02 10.75
N GLU A 369 -12.01 24.66 10.45
CA GLU A 369 -12.71 25.52 11.40
C GLU A 369 -13.03 24.72 12.67
N TYR A 370 -13.55 23.48 12.51
CA TYR A 370 -13.82 22.62 13.68
C TYR A 370 -12.56 22.50 14.53
N PHE A 371 -11.43 22.07 13.88
CA PHE A 371 -10.22 21.68 14.58
C PHE A 371 -9.60 22.89 15.30
N ASP A 372 -9.53 24.05 14.62
CA ASP A 372 -9.10 25.31 15.22
C ASP A 372 -9.80 25.59 16.54
N ALA A 373 -11.15 25.54 16.54
CA ALA A 373 -11.96 25.81 17.74
C ALA A 373 -11.67 24.77 18.83
N VAL A 374 -11.45 23.50 18.43
CA VAL A 374 -11.07 22.46 19.40
C VAL A 374 -9.74 22.85 20.06
N HIS A 375 -8.77 23.31 19.25
N HIS A 375 -8.73 23.24 19.23
CA HIS A 375 -7.45 23.61 19.81
CA HIS A 375 -7.42 23.66 19.74
C HIS A 375 -7.47 24.91 20.62
C HIS A 375 -7.63 24.82 20.71
N GLN A 376 -8.34 25.87 20.25
CA GLN A 376 -8.72 27.02 21.07
C GLN A 376 -9.22 26.50 22.43
N ALA A 377 -10.21 25.58 22.45
CA ALA A 377 -10.69 25.08 23.77
C ALA A 377 -9.60 24.43 24.65
N GLU A 378 -8.62 23.74 24.06
CA GLU A 378 -7.56 23.04 24.77
C GLU A 378 -6.54 24.03 25.37
N ARG A 379 -6.09 25.00 24.53
CA ARG A 379 -5.22 26.12 24.88
C ARG A 379 -5.85 26.95 25.99
N ALA A 380 -7.18 27.08 26.05
CA ALA A 380 -7.89 27.64 27.21
C ALA A 380 -8.02 26.65 28.37
N GLY A 381 -7.57 25.39 28.24
CA GLY A 381 -7.54 24.54 29.42
C GLY A 381 -8.88 23.90 29.76
N GLN A 382 -9.81 23.89 28.81
CA GLN A 382 -11.09 23.19 28.95
C GLN A 382 -11.04 21.68 28.71
N ALA A 383 -9.95 21.14 28.14
CA ALA A 383 -9.80 19.70 27.94
C ALA A 383 -8.33 19.37 27.80
N GLU A 384 -7.96 18.15 28.28
CA GLU A 384 -6.70 17.47 28.06
C GLU A 384 -7.06 16.23 27.25
N PHE A 385 -6.37 15.97 26.13
CA PHE A 385 -6.68 14.84 25.27
C PHE A 385 -5.86 13.60 25.62
N PRO A 386 -6.42 12.37 25.51
CA PRO A 386 -5.63 11.16 25.73
C PRO A 386 -4.64 10.88 24.60
N THR A 387 -3.56 10.13 24.91
CA THR A 387 -2.63 9.56 23.92
C THR A 387 -3.01 8.13 23.49
N LEU A 388 -2.79 7.83 22.19
CA LEU A 388 -3.08 6.52 21.59
C LEU A 388 -1.97 6.08 20.62
N SER A 389 -1.66 4.77 20.72
CA SER A 389 -0.85 4.05 19.76
C SER A 389 -1.54 2.72 19.42
N GLY A 390 -1.30 2.27 18.20
CA GLY A 390 -1.80 1.00 17.71
C GLY A 390 -2.48 1.27 16.37
N ASP A 391 -3.33 0.32 15.94
CA ASP A 391 -4.00 0.40 14.65
C ASP A 391 -5.49 0.11 14.85
N PHE A 392 -6.26 0.12 13.78
CA PHE A 392 -7.71 -0.12 13.81
C PHE A 392 -8.07 -1.24 12.81
N PHE A 393 -7.38 -2.38 12.87
CA PHE A 393 -7.68 -3.54 12.02
C PHE A 393 -7.83 -4.73 12.98
N THR A 394 -8.65 -5.75 12.64
CA THR A 394 -9.57 -5.78 11.52
C THR A 394 -10.91 -5.14 11.95
N TYR A 395 -11.37 -4.22 11.10
CA TYR A 395 -12.69 -3.58 11.24
C TYR A 395 -13.85 -4.55 11.06
N ALA A 396 -14.94 -4.34 11.86
CA ALA A 396 -16.25 -4.97 11.71
C ALA A 396 -17.32 -3.87 11.80
N ASP A 397 -18.25 -3.84 10.84
CA ASP A 397 -19.32 -2.85 10.89
C ASP A 397 -20.46 -3.29 11.83
N ARG A 398 -20.67 -4.62 12.03
CA ARG A 398 -21.78 -5.25 12.78
C ARG A 398 -21.47 -6.72 13.07
N SER A 399 -22.24 -7.37 13.99
CA SER A 399 -22.08 -8.72 14.50
C SER A 399 -20.66 -9.26 14.30
N ASP A 400 -20.47 -10.29 13.45
CA ASP A 400 -19.17 -10.92 13.22
C ASP A 400 -18.71 -10.63 11.78
N ASN A 401 -19.19 -9.52 11.18
CA ASN A 401 -18.84 -9.22 9.81
C ASN A 401 -17.55 -8.41 9.79
N TYR A 402 -16.42 -9.16 9.83
CA TYR A 402 -15.07 -8.63 9.77
C TYR A 402 -14.59 -8.45 8.32
N TRP A 403 -13.94 -7.32 8.02
CA TRP A 403 -13.68 -7.03 6.62
C TRP A 403 -12.26 -7.49 6.31
N SER A 404 -11.95 -8.79 6.55
CA SER A 404 -10.63 -9.29 6.18
C SER A 404 -10.58 -9.85 4.75
N GLY A 405 -11.74 -9.90 4.06
CA GLY A 405 -11.77 -10.40 2.70
C GLY A 405 -10.87 -9.57 1.76
N TYR A 406 -10.88 -8.23 1.90
CA TYR A 406 -10.35 -7.38 0.86
C TYR A 406 -8.83 -7.30 1.02
N TYR A 407 -8.29 -7.91 2.10
CA TYR A 407 -6.86 -8.10 2.17
C TYR A 407 -6.38 -9.01 1.03
N THR A 408 -7.33 -9.66 0.34
CA THR A 408 -6.96 -10.68 -0.63
C THR A 408 -7.65 -10.47 -1.98
N SER A 409 -8.89 -9.93 -2.06
CA SER A 409 -9.70 -9.81 -3.28
C SER A 409 -8.90 -9.16 -4.42
N ARG A 410 -9.11 -9.71 -5.63
CA ARG A 410 -8.46 -9.46 -6.91
C ARG A 410 -6.94 -9.45 -6.73
N PRO A 411 -6.31 -10.57 -6.32
CA PRO A 411 -4.88 -10.60 -6.00
C PRO A 411 -3.96 -10.26 -7.17
N TYR A 412 -4.48 -10.34 -8.40
CA TYR A 412 -3.63 -10.06 -9.57
C TYR A 412 -3.25 -8.57 -9.59
N HIS A 413 -4.24 -7.70 -9.26
CA HIS A 413 -4.07 -6.25 -9.21
C HIS A 413 -3.26 -5.82 -7.98
N LYS A 414 -3.51 -6.49 -6.85
CA LYS A 414 -2.69 -6.30 -5.66
C LYS A 414 -1.20 -6.48 -6.00
N ARG A 415 -0.86 -7.51 -6.79
CA ARG A 415 0.53 -7.72 -7.13
C ARG A 415 0.98 -6.68 -8.16
N MET A 416 0.05 -6.27 -9.02
CA MET A 416 0.38 -5.30 -10.07
C MET A 416 0.79 -3.97 -9.42
N ASP A 417 0.21 -3.66 -8.29
CA ASP A 417 0.49 -2.45 -7.54
C ASP A 417 1.97 -2.38 -7.22
N ARG A 418 2.51 -3.50 -6.70
CA ARG A 418 3.90 -3.54 -6.26
C ARG A 418 4.87 -3.38 -7.41
N VAL A 419 4.58 -4.07 -8.51
CA VAL A 419 5.41 -3.98 -9.71
C VAL A 419 5.40 -2.52 -10.19
N LEU A 420 4.21 -1.97 -10.41
CA LEU A 420 4.13 -0.57 -10.85
C LEU A 420 4.87 0.38 -9.90
N MET A 421 4.72 0.18 -8.55
CA MET A 421 5.36 1.01 -7.52
C MET A 421 6.86 1.12 -7.83
N HIS A 422 7.44 -0.06 -8.11
CA HIS A 422 8.87 -0.14 -8.32
C HIS A 422 9.29 0.52 -9.64
N TYR A 423 8.53 0.28 -10.70
CA TYR A 423 8.81 0.93 -11.98
C TYR A 423 8.72 2.46 -11.93
N VAL A 424 7.83 3.06 -11.14
CA VAL A 424 7.79 4.52 -11.07
C VAL A 424 9.03 5.02 -10.30
N ARG A 425 9.34 4.30 -9.20
CA ARG A 425 10.55 4.67 -8.50
C ARG A 425 11.76 4.67 -9.46
N ALA A 426 11.92 3.55 -10.22
CA ALA A 426 13.11 3.38 -11.04
C ALA A 426 13.09 4.37 -12.20
N ALA A 427 11.89 4.63 -12.74
CA ALA A 427 11.79 5.58 -13.85
C ALA A 427 12.15 6.98 -13.38
N GLU A 428 11.74 7.35 -12.17
CA GLU A 428 11.92 8.73 -11.72
C GLU A 428 13.39 8.92 -11.31
N MET A 429 13.96 7.90 -10.64
CA MET A 429 15.38 7.93 -10.30
C MET A 429 16.28 8.00 -11.56
N LEU A 430 16.08 7.09 -12.53
CA LEU A 430 16.87 6.99 -13.74
C LEU A 430 16.92 8.33 -14.49
N SER A 431 15.75 8.98 -14.63
CA SER A 431 15.61 10.21 -15.40
C SER A 431 15.95 11.43 -14.54
N ALA A 432 16.04 11.26 -13.21
CA ALA A 432 16.35 12.38 -12.32
C ALA A 432 17.76 12.91 -12.58
N TRP A 433 18.67 12.03 -13.09
CA TRP A 433 20.10 12.36 -13.18
C TRP A 433 20.35 13.53 -14.13
N HIS A 434 19.53 13.68 -15.17
CA HIS A 434 19.67 14.68 -16.21
C HIS A 434 18.44 15.56 -16.28
N SER A 435 18.59 16.74 -16.87
CA SER A 435 17.52 17.59 -17.33
C SER A 435 17.19 17.15 -18.76
N TRP A 436 15.90 17.10 -19.11
CA TRP A 436 15.56 16.58 -20.43
C TRP A 436 14.88 17.66 -21.23
N ASP A 437 15.31 17.78 -22.49
CA ASP A 437 14.58 18.54 -23.46
C ASP A 437 13.10 18.12 -23.45
N GLY A 438 12.16 19.11 -23.50
CA GLY A 438 10.70 18.88 -23.50
C GLY A 438 10.16 18.00 -24.64
N MET A 439 10.83 17.94 -25.79
CA MET A 439 10.49 16.95 -26.81
C MET A 439 10.66 15.50 -26.36
N ALA A 440 11.50 15.16 -25.35
CA ALA A 440 11.62 13.73 -24.95
C ALA A 440 10.33 13.22 -24.31
N ARG A 441 9.49 14.18 -23.88
CA ARG A 441 8.24 13.89 -23.17
C ARG A 441 8.42 13.09 -21.84
N ILE A 442 9.45 13.35 -21.01
CA ILE A 442 9.73 12.61 -19.76
C ILE A 442 8.70 12.99 -18.67
N GLU A 443 8.59 14.31 -18.45
CA GLU A 443 7.61 14.92 -17.53
C GLU A 443 6.21 14.39 -17.78
N GLU A 444 5.76 14.29 -19.05
CA GLU A 444 4.43 13.76 -19.35
C GLU A 444 4.25 12.30 -18.96
N ARG A 445 5.18 11.44 -19.37
CA ARG A 445 5.10 10.01 -19.10
C ARG A 445 5.11 9.77 -17.58
N LEU A 446 6.02 10.43 -16.84
CA LEU A 446 6.14 10.32 -15.37
C LEU A 446 4.85 10.77 -14.69
N GLU A 447 4.26 11.84 -15.25
CA GLU A 447 3.05 12.40 -14.72
C GLU A 447 1.95 11.36 -14.89
N GLN A 448 1.85 10.79 -16.10
CA GLN A 448 0.81 9.79 -16.26
C GLN A 448 1.10 8.62 -15.31
N ALA A 449 2.37 8.22 -15.21
CA ALA A 449 2.57 6.98 -14.45
C ALA A 449 2.20 7.22 -12.98
N ARG A 450 2.65 8.32 -12.37
CA ARG A 450 2.26 8.67 -11.01
C ARG A 450 0.75 8.75 -10.78
N ARG A 451 0.01 9.35 -11.71
CA ARG A 451 -1.42 9.51 -11.54
C ARG A 451 -2.16 8.17 -11.58
N GLU A 452 -1.84 7.30 -12.56
CA GLU A 452 -2.46 6.00 -12.68
C GLU A 452 -2.24 5.17 -11.39
N LEU A 453 -1.00 5.16 -10.93
CA LEU A 453 -0.64 4.40 -9.73
C LEU A 453 -1.37 5.03 -8.50
N SER A 454 -1.41 6.37 -8.47
CA SER A 454 -2.10 7.16 -7.45
C SER A 454 -3.58 6.79 -7.37
N LEU A 455 -4.27 6.71 -8.52
CA LEU A 455 -5.69 6.36 -8.55
C LEU A 455 -5.95 4.97 -7.97
N PHE A 456 -5.01 4.04 -8.18
CA PHE A 456 -5.26 2.67 -7.73
C PHE A 456 -5.14 2.57 -6.21
N GLN A 457 -4.58 3.59 -5.57
CA GLN A 457 -4.56 3.64 -4.11
C GLN A 457 -5.96 3.81 -3.51
N HIS A 458 -6.93 4.31 -4.30
CA HIS A 458 -8.35 4.41 -3.92
C HIS A 458 -8.87 3.19 -3.13
N HIS A 459 -9.73 3.41 -2.16
CA HIS A 459 -10.32 2.35 -1.33
C HIS A 459 -11.25 1.41 -2.11
N ASP A 460 -11.48 1.63 -3.43
CA ASP A 460 -12.08 0.57 -4.26
C ASP A 460 -11.11 0.05 -5.34
N GLY A 461 -9.84 0.46 -5.31
CA GLY A 461 -8.83 0.06 -6.28
C GLY A 461 -8.06 -1.15 -5.76
N ILE A 462 -6.97 -0.88 -5.03
CA ILE A 462 -6.09 -1.93 -4.53
C ILE A 462 -6.86 -2.95 -3.67
N THR A 463 -8.03 -2.55 -3.17
CA THR A 463 -8.83 -3.33 -2.23
C THR A 463 -9.46 -4.51 -2.98
N GLY A 464 -9.63 -4.39 -4.31
CA GLY A 464 -10.37 -5.39 -5.08
C GLY A 464 -11.90 -5.37 -4.87
N THR A 465 -12.47 -4.20 -4.54
CA THR A 465 -13.89 -4.15 -4.22
C THR A 465 -14.71 -3.44 -5.33
N ALA A 466 -14.13 -3.23 -6.55
CA ALA A 466 -14.80 -2.48 -7.64
C ALA A 466 -15.47 -3.47 -8.63
N LYS A 467 -16.42 -2.99 -9.44
CA LYS A 467 -17.10 -3.82 -10.44
C LYS A 467 -16.05 -4.23 -11.51
N THR A 468 -16.33 -5.34 -12.24
CA THR A 468 -15.37 -5.94 -13.18
C THR A 468 -14.85 -4.92 -14.20
N HIS A 469 -15.75 -4.15 -14.83
CA HIS A 469 -15.30 -3.22 -15.87
C HIS A 469 -14.42 -2.09 -15.31
N VAL A 470 -14.60 -1.75 -14.04
CA VAL A 470 -13.87 -0.74 -13.31
C VAL A 470 -12.49 -1.35 -13.03
N VAL A 471 -12.44 -2.60 -12.52
CA VAL A 471 -11.14 -3.26 -12.31
C VAL A 471 -10.38 -3.32 -13.65
N VAL A 472 -11.15 -3.50 -14.74
CA VAL A 472 -10.63 -3.51 -16.11
C VAL A 472 -9.94 -2.18 -16.40
N ASP A 473 -10.67 -1.06 -16.24
CA ASP A 473 -10.14 0.31 -16.31
C ASP A 473 -8.85 0.52 -15.49
N TYR A 474 -8.85 0.11 -14.20
CA TYR A 474 -7.66 0.21 -13.36
C TYR A 474 -6.52 -0.55 -14.02
N GLU A 475 -6.80 -1.73 -14.59
CA GLU A 475 -5.70 -2.56 -15.15
C GLU A 475 -5.06 -1.93 -16.41
N GLN A 476 -5.92 -1.36 -17.26
CA GLN A 476 -5.48 -0.77 -18.54
C GLN A 476 -4.62 0.44 -18.24
N ARG A 477 -5.05 1.24 -17.25
CA ARG A 477 -4.35 2.43 -16.78
C ARG A 477 -2.95 2.07 -16.25
N MET A 478 -2.85 1.05 -15.38
CA MET A 478 -1.58 0.60 -14.80
C MET A 478 -0.63 0.10 -15.88
N GLN A 479 -1.24 -0.52 -16.91
CA GLN A 479 -0.51 -1.09 -18.02
C GLN A 479 0.13 0.02 -18.84
N GLU A 480 -0.65 1.08 -19.08
CA GLU A 480 -0.14 2.22 -19.83
C GLU A 480 0.94 2.90 -18.98
N ALA A 481 0.69 2.98 -17.66
CA ALA A 481 1.68 3.52 -16.74
C ALA A 481 2.97 2.68 -16.77
N LEU A 482 2.89 1.32 -16.82
CA LEU A 482 4.11 0.52 -16.91
C LEU A 482 4.85 0.81 -18.21
N LYS A 483 4.12 0.87 -19.34
CA LYS A 483 4.73 1.21 -20.63
C LYS A 483 5.45 2.56 -20.57
N ALA A 484 4.85 3.53 -19.86
CA ALA A 484 5.44 4.86 -19.79
C ALA A 484 6.77 4.84 -19.00
N CYS A 485 6.82 4.14 -17.85
CA CYS A 485 8.05 3.93 -17.07
C CYS A 485 9.19 3.26 -17.86
N GLN A 486 8.87 2.22 -18.69
CA GLN A 486 9.85 1.49 -19.49
C GLN A 486 10.48 2.41 -20.54
N MET A 487 9.63 3.23 -21.17
CA MET A 487 10.07 4.17 -22.17
C MET A 487 11.00 5.17 -21.48
N VAL A 488 10.70 5.64 -20.25
CA VAL A 488 11.58 6.60 -19.58
C VAL A 488 12.85 5.88 -19.15
N MET A 489 12.73 4.64 -18.66
CA MET A 489 13.88 3.98 -18.10
C MET A 489 14.88 3.67 -19.22
N GLN A 490 14.39 3.14 -20.36
CA GLN A 490 15.29 2.82 -21.46
C GLN A 490 16.05 4.08 -21.96
N GLN A 491 15.32 5.22 -22.07
CA GLN A 491 15.94 6.42 -22.62
C GLN A 491 17.03 6.84 -21.64
N SER A 492 16.75 6.72 -20.33
CA SER A 492 17.65 7.24 -19.29
C SER A 492 18.94 6.41 -19.31
N VAL A 493 18.80 5.09 -19.57
CA VAL A 493 19.90 4.15 -19.43
C VAL A 493 20.87 4.41 -20.60
N TYR A 494 20.32 4.66 -21.80
CA TYR A 494 21.10 4.96 -23.01
C TYR A 494 21.91 6.24 -22.81
N ARG A 495 21.25 7.26 -22.26
CA ARG A 495 21.93 8.47 -21.87
C ARG A 495 23.02 8.21 -20.83
N LEU A 496 22.72 7.38 -19.81
CA LEU A 496 23.71 7.25 -18.73
C LEU A 496 24.96 6.46 -19.15
N LEU A 497 24.87 5.61 -20.19
CA LEU A 497 25.97 4.68 -20.47
C LEU A 497 26.53 4.89 -21.89
N THR A 498 26.12 5.95 -22.62
CA THR A 498 26.66 6.24 -23.95
C THR A 498 27.68 7.34 -23.74
N LYS A 499 28.85 7.29 -24.40
CA LYS A 499 29.83 8.37 -24.26
C LYS A 499 29.15 9.68 -24.66
N PRO A 500 29.24 10.77 -23.84
CA PRO A 500 28.63 12.05 -24.19
C PRO A 500 29.01 12.56 -25.59
N SER A 501 30.22 12.20 -26.09
CA SER A 501 30.68 12.69 -27.39
C SER A 501 29.95 12.02 -28.56
N ILE A 502 29.22 10.93 -28.28
CA ILE A 502 28.45 10.15 -29.25
C ILE A 502 26.96 10.41 -29.01
N TYR A 503 26.56 10.60 -27.73
CA TYR A 503 25.13 10.51 -27.38
C TYR A 503 24.31 11.43 -28.30
N SER A 504 23.43 10.86 -29.14
CA SER A 504 22.64 11.68 -30.06
C SER A 504 21.22 11.13 -30.18
N PRO A 505 20.30 11.33 -29.20
CA PRO A 505 19.08 10.53 -29.13
C PRO A 505 17.96 10.81 -30.10
N ASP A 506 17.25 9.74 -30.44
CA ASP A 506 15.91 9.79 -30.96
C ASP A 506 15.00 9.37 -29.82
N PHE A 507 14.23 10.35 -29.34
CA PHE A 507 13.39 10.15 -28.18
C PHE A 507 12.25 9.19 -28.48
N SER A 508 12.02 8.77 -29.74
CA SER A 508 10.94 7.82 -29.92
C SER A 508 11.49 6.42 -30.19
N PHE A 509 12.81 6.28 -30.16
CA PHE A 509 13.45 4.98 -30.38
C PHE A 509 13.54 4.18 -29.07
N SER A 510 13.36 2.87 -29.24
CA SER A 510 13.62 1.79 -28.29
C SER A 510 15.08 1.37 -28.36
N TYR A 511 15.87 1.93 -27.47
CA TYR A 511 17.26 1.53 -27.34
C TYR A 511 17.41 0.22 -26.57
N PHE A 512 16.50 -0.05 -25.62
CA PHE A 512 16.60 -1.25 -24.80
C PHE A 512 15.20 -1.81 -24.59
N THR A 513 15.08 -3.13 -24.56
CA THR A 513 13.80 -3.64 -24.07
C THR A 513 14.02 -4.08 -22.63
N LEU A 514 12.98 -3.97 -21.83
CA LEU A 514 13.01 -4.41 -20.44
C LEU A 514 12.85 -5.92 -20.38
N ASP A 515 13.53 -6.58 -19.44
CA ASP A 515 13.35 -8.00 -19.18
C ASP A 515 12.88 -8.25 -17.73
N ASP A 516 11.66 -8.78 -17.55
CA ASP A 516 11.19 -8.93 -16.19
C ASP A 516 10.86 -10.39 -15.95
N SER A 517 11.63 -11.02 -15.04
CA SER A 517 11.37 -12.45 -14.77
C SER A 517 10.11 -12.70 -13.94
N ARG A 518 9.40 -11.67 -13.49
CA ARG A 518 8.48 -11.88 -12.35
C ARG A 518 7.12 -11.27 -12.61
N TRP A 519 7.12 -10.28 -13.49
CA TRP A 519 5.88 -9.72 -13.99
C TRP A 519 5.90 -9.74 -15.52
N PRO A 520 4.90 -10.35 -16.18
CA PRO A 520 3.79 -10.98 -15.47
C PRO A 520 3.92 -12.43 -15.00
N GLY A 521 5.03 -13.10 -15.41
CA GLY A 521 5.41 -14.47 -15.07
C GLY A 521 5.08 -15.46 -16.17
N GLU A 525 1.55 -14.95 -18.71
CA GLU A 525 2.67 -14.35 -19.48
C GLU A 525 3.47 -15.50 -20.09
N ASP A 526 3.52 -15.48 -21.44
CA ASP A 526 4.47 -16.18 -22.28
C ASP A 526 5.31 -15.15 -23.06
N SER A 527 5.48 -13.93 -22.52
CA SER A 527 6.33 -12.87 -23.08
C SER A 527 7.75 -13.11 -22.57
N ARG A 528 8.61 -12.07 -22.63
CA ARG A 528 10.07 -12.14 -22.45
C ARG A 528 10.79 -12.29 -23.79
N THR A 529 11.79 -11.44 -24.07
CA THR A 529 12.57 -11.61 -25.30
C THR A 529 13.49 -12.82 -25.12
N THR A 530 13.47 -13.72 -26.12
CA THR A 530 14.67 -14.52 -26.34
C THR A 530 15.69 -13.68 -27.08
N ILE A 531 16.89 -13.62 -26.50
CA ILE A 531 18.01 -13.14 -27.27
C ILE A 531 18.52 -14.24 -28.21
N ILE A 532 18.43 -13.94 -29.52
CA ILE A 532 18.82 -14.83 -30.61
C ILE A 532 20.30 -14.58 -30.91
N LEU A 533 21.18 -15.48 -30.45
CA LEU A 533 22.58 -15.34 -30.82
C LEU A 533 22.99 -16.41 -31.85
N GLY A 534 23.88 -16.04 -32.78
CA GLY A 534 24.41 -16.99 -33.76
C GLY A 534 25.78 -16.55 -34.27
N GLU A 535 26.69 -17.52 -34.60
CA GLU A 535 28.12 -17.28 -34.88
C GLU A 535 28.33 -16.35 -36.08
N ASP A 536 27.29 -16.19 -36.90
CA ASP A 536 27.08 -14.96 -37.64
C ASP A 536 25.64 -14.96 -38.12
N ILE A 537 24.66 -14.91 -37.18
CA ILE A 537 23.47 -14.07 -37.25
C ILE A 537 23.82 -12.85 -36.39
N LEU A 538 24.02 -13.07 -35.07
CA LEU A 538 24.43 -12.04 -34.12
C LEU A 538 25.30 -12.62 -32.99
N PRO A 539 26.63 -12.36 -32.92
CA PRO A 539 27.48 -13.13 -32.00
C PRO A 539 27.33 -12.83 -30.50
N SER A 540 27.31 -11.52 -30.14
CA SER A 540 27.27 -11.01 -28.77
C SER A 540 26.08 -10.06 -28.51
N LYS A 541 25.64 -9.93 -27.25
CA LYS A 541 24.54 -9.03 -26.86
C LYS A 541 24.86 -8.35 -25.53
N HIS A 542 24.70 -7.00 -25.52
CA HIS A 542 24.89 -6.17 -24.31
C HIS A 542 23.62 -6.17 -23.44
N VAL A 543 23.77 -6.41 -22.12
CA VAL A 543 22.66 -6.32 -21.17
C VAL A 543 23.12 -5.38 -20.05
N VAL A 544 22.17 -4.60 -19.47
CA VAL A 544 22.49 -3.65 -18.41
C VAL A 544 21.57 -3.94 -17.22
N MET A 545 22.13 -3.81 -16.01
CA MET A 545 21.36 -3.95 -14.79
C MET A 545 21.37 -2.64 -14.00
N HIS A 546 20.17 -2.25 -13.51
CA HIS A 546 19.99 -1.04 -12.72
C HIS A 546 19.71 -1.45 -11.28
N ASN A 547 20.35 -0.78 -10.33
CA ASN A 547 20.15 -0.99 -8.91
C ASN A 547 19.56 0.28 -8.29
N THR A 548 18.26 0.35 -7.95
CA THR A 548 17.64 1.59 -7.41
C THR A 548 18.08 1.84 -5.94
N LEU A 549 18.56 0.80 -5.24
CA LEU A 549 18.91 0.98 -3.83
C LEU A 549 20.28 1.65 -3.64
N PRO A 550 20.45 2.46 -2.56
CA PRO A 550 21.72 3.14 -2.31
C PRO A 550 22.82 2.31 -1.64
N HIS A 551 22.99 1.02 -1.98
CA HIS A 551 24.23 0.33 -1.64
C HIS A 551 24.57 -0.64 -2.76
N TRP A 552 25.81 -1.15 -2.83
CA TRP A 552 26.26 -2.13 -3.81
C TRP A 552 25.42 -3.35 -3.68
N ARG A 553 24.93 -3.88 -4.80
CA ARG A 553 24.15 -5.10 -4.64
C ARG A 553 24.71 -6.13 -5.63
N GLU A 554 24.70 -7.40 -5.20
CA GLU A 554 24.96 -8.57 -6.01
C GLU A 554 23.72 -9.42 -6.02
N GLN A 555 23.28 -9.80 -7.22
CA GLN A 555 21.97 -10.44 -7.32
C GLN A 555 22.14 -11.34 -8.54
N LEU A 556 21.65 -12.59 -8.44
CA LEU A 556 21.48 -13.42 -9.62
C LEU A 556 20.49 -12.79 -10.60
N VAL A 557 20.83 -12.70 -11.92
CA VAL A 557 19.89 -12.24 -12.94
C VAL A 557 19.78 -13.36 -13.97
N ASP A 558 18.70 -13.40 -14.76
CA ASP A 558 18.52 -14.40 -15.81
C ASP A 558 18.05 -13.75 -17.10
N PHE A 559 18.52 -14.30 -18.24
CA PHE A 559 17.98 -14.00 -19.56
C PHE A 559 17.69 -15.28 -20.35
N TYR A 560 16.65 -15.20 -21.19
CA TYR A 560 16.31 -16.17 -22.24
C TYR A 560 17.20 -16.00 -23.46
N VAL A 561 17.80 -17.14 -23.90
CA VAL A 561 18.77 -17.26 -24.99
C VAL A 561 18.43 -18.42 -25.95
N SER A 562 18.77 -18.16 -27.20
CA SER A 562 18.50 -19.07 -28.29
C SER A 562 19.54 -20.20 -28.34
N SER A 563 20.60 -20.20 -27.53
CA SER A 563 21.56 -21.30 -27.51
C SER A 563 22.05 -21.58 -26.09
N PRO A 564 22.33 -22.86 -25.69
CA PRO A 564 22.86 -23.14 -24.35
C PRO A 564 24.33 -22.81 -24.23
N PHE A 565 24.98 -22.51 -25.34
CA PHE A 565 26.42 -22.25 -25.31
C PHE A 565 26.68 -20.75 -25.33
N VAL A 566 26.53 -20.15 -24.13
CA VAL A 566 26.67 -18.72 -23.90
C VAL A 566 27.61 -18.54 -22.73
N SER A 567 28.47 -17.52 -22.85
CA SER A 567 29.37 -17.16 -21.75
C SER A 567 29.20 -15.68 -21.39
N VAL A 568 29.53 -15.33 -20.13
CA VAL A 568 29.24 -13.99 -19.61
C VAL A 568 30.56 -13.26 -19.37
N THR A 569 30.63 -11.98 -19.83
CA THR A 569 31.76 -11.13 -19.48
C THR A 569 31.21 -9.78 -19.06
N ASP A 570 31.96 -9.03 -18.22
CA ASP A 570 31.76 -7.57 -18.10
C ASP A 570 32.24 -6.86 -19.37
N LEU A 571 32.11 -5.51 -19.42
CA LEU A 571 32.47 -4.76 -20.63
C LEU A 571 34.00 -4.86 -20.85
N ALA A 572 34.78 -4.88 -19.75
CA ALA A 572 36.21 -5.14 -19.67
C ALA A 572 36.59 -6.55 -20.15
N ASN A 573 35.59 -7.39 -20.43
CA ASN A 573 35.78 -8.69 -21.01
C ASN A 573 36.40 -9.72 -20.04
N ASN A 574 36.26 -9.48 -18.72
CA ASN A 574 36.52 -10.47 -17.68
C ASN A 574 35.42 -11.51 -17.63
N PRO A 575 35.77 -12.81 -17.41
CA PRO A 575 34.77 -13.89 -17.42
C PRO A 575 33.88 -13.72 -16.20
N VAL A 576 32.61 -14.13 -16.32
CA VAL A 576 31.68 -14.15 -15.20
C VAL A 576 31.09 -15.54 -15.18
N GLU A 577 31.03 -16.09 -13.97
CA GLU A 577 30.57 -17.46 -13.84
C GLU A 577 29.06 -17.47 -14.12
N ALA A 578 28.64 -18.44 -14.94
CA ALA A 578 27.25 -18.54 -15.31
C ALA A 578 26.80 -19.99 -15.18
N GLN A 579 25.48 -20.12 -15.10
CA GLN A 579 24.78 -21.39 -15.27
C GLN A 579 23.69 -21.21 -16.33
N VAL A 580 23.45 -22.30 -17.09
CA VAL A 580 22.35 -22.45 -18.05
C VAL A 580 21.37 -23.50 -17.54
N SER A 581 20.08 -23.14 -17.54
CA SER A 581 19.01 -24.06 -17.19
C SER A 581 18.02 -24.05 -18.33
N PRO A 582 17.24 -25.15 -18.53
CA PRO A 582 16.19 -25.19 -19.55
C PRO A 582 15.07 -24.24 -19.15
N VAL A 583 14.31 -23.80 -20.14
CA VAL A 583 13.06 -23.12 -19.86
C VAL A 583 11.98 -24.18 -19.76
N TRP A 584 11.23 -24.19 -18.64
CA TRP A 584 10.16 -25.14 -18.37
C TRP A 584 8.80 -24.43 -18.35
N SER A 585 7.72 -25.09 -18.83
CA SER A 585 6.35 -24.59 -18.68
C SER A 585 5.44 -25.73 -18.25
N TRP A 586 4.33 -25.42 -17.56
CA TRP A 586 3.37 -26.39 -17.03
C TRP A 586 2.07 -26.38 -17.83
N HIS A 587 1.54 -27.58 -18.18
CA HIS A 587 0.34 -27.76 -19.02
C HIS A 587 -0.64 -28.64 -18.25
N HIS A 588 -1.96 -28.46 -18.48
CA HIS A 588 -3.04 -29.26 -17.88
C HIS A 588 -3.64 -30.15 -18.97
N ASP A 589 -3.12 -31.39 -19.13
CA ASP A 589 -3.33 -32.24 -20.30
C ASP A 589 -4.83 -32.53 -20.53
N THR A 590 -5.64 -32.30 -19.47
CA THR A 590 -7.10 -32.17 -19.42
C THR A 590 -7.82 -33.48 -19.77
N LEU A 591 -7.40 -34.10 -20.90
CA LEU A 591 -7.37 -35.54 -21.08
C LEU A 591 -7.03 -36.18 -19.72
N THR A 592 -5.78 -36.00 -19.26
CA THR A 592 -5.14 -36.93 -18.33
C THR A 592 -5.44 -36.53 -16.89
N THR A 594 -4.21 -34.12 -15.63
CA THR A 594 -2.78 -34.19 -15.24
C THR A 594 -2.07 -32.89 -15.63
N ILE A 595 -1.21 -32.42 -14.70
CA ILE A 595 -0.45 -31.19 -14.82
C ILE A 595 1.05 -31.53 -14.83
N HIS A 596 1.65 -31.32 -15.99
CA HIS A 596 2.96 -31.86 -16.31
C HIS A 596 3.82 -30.70 -16.85
N PRO A 597 5.16 -30.70 -16.63
CA PRO A 597 6.04 -29.73 -17.30
C PRO A 597 6.50 -30.17 -18.68
N GLN A 598 6.65 -29.21 -19.60
CA GLN A 598 7.29 -29.31 -20.92
C GLN A 598 8.52 -28.39 -20.94
N GLY A 599 9.61 -28.86 -21.58
CA GLY A 599 10.85 -28.13 -21.68
C GLY A 599 11.04 -27.59 -23.10
N SER A 600 11.59 -26.38 -23.28
CA SER A 600 11.85 -25.77 -24.58
C SER A 600 13.02 -26.47 -25.24
N THR A 601 13.05 -26.34 -26.57
CA THR A 601 14.10 -26.89 -27.43
C THR A 601 14.78 -25.74 -28.17
N THR A 602 14.25 -24.52 -28.01
CA THR A 602 14.76 -23.34 -28.72
C THR A 602 15.13 -22.16 -27.80
N LYS A 603 14.82 -22.24 -26.49
CA LYS A 603 15.20 -21.20 -25.54
C LYS A 603 15.75 -21.85 -24.28
N TYR A 604 16.78 -21.21 -23.70
CA TYR A 604 17.50 -21.58 -22.49
C TYR A 604 17.63 -20.34 -21.60
N ARG A 605 17.81 -20.55 -20.28
CA ARG A 605 18.04 -19.51 -19.29
C ARG A 605 19.52 -19.43 -18.95
N ILE A 606 20.09 -18.23 -19.12
CA ILE A 606 21.46 -17.95 -18.66
C ILE A 606 21.35 -17.13 -17.37
N ILE A 607 22.07 -17.56 -16.35
CA ILE A 607 22.00 -17.04 -14.99
C ILE A 607 23.40 -16.68 -14.54
N PHE A 608 23.57 -15.47 -13.98
CA PHE A 608 24.84 -15.06 -13.38
C PHE A 608 24.59 -13.96 -12.37
N LYS A 609 25.66 -13.63 -11.65
CA LYS A 609 25.59 -12.74 -10.52
C LYS A 609 25.90 -11.36 -11.06
N ALA A 610 24.93 -10.44 -11.05
CA ALA A 610 25.23 -9.05 -11.43
C ALA A 610 25.65 -8.27 -10.19
N ARG A 611 26.80 -7.55 -10.28
CA ARG A 611 27.29 -6.66 -9.23
C ARG A 611 26.99 -5.22 -9.67
N VAL A 612 26.19 -4.44 -8.87
CA VAL A 612 25.63 -3.20 -9.41
C VAL A 612 25.87 -2.10 -8.39
N PRO A 613 26.44 -0.92 -8.76
CA PRO A 613 26.74 0.20 -7.82
C PRO A 613 25.50 0.79 -7.15
N PRO A 614 25.66 1.56 -6.04
CA PRO A 614 24.49 2.11 -5.33
C PRO A 614 23.85 3.06 -6.34
N MET A 615 22.50 2.97 -6.50
CA MET A 615 21.78 3.82 -7.47
C MET A 615 22.51 3.78 -8.83
N GLY A 616 22.94 2.60 -9.27
CA GLY A 616 23.85 2.58 -10.41
C GLY A 616 23.49 1.55 -11.47
N LEU A 617 24.38 1.43 -12.49
CA LEU A 617 24.15 0.61 -13.66
C LEU A 617 25.39 -0.24 -13.91
N ALA A 618 25.20 -1.48 -14.41
CA ALA A 618 26.32 -2.38 -14.74
C ALA A 618 26.03 -3.09 -16.05
N THR A 619 26.98 -3.01 -17.02
CA THR A 619 26.81 -3.59 -18.36
C THR A 619 27.48 -4.96 -18.38
N TYR A 620 26.82 -5.95 -18.99
CA TYR A 620 27.46 -7.24 -19.26
C TYR A 620 27.21 -7.64 -20.71
N VAL A 621 27.97 -8.65 -21.16
CA VAL A 621 27.98 -9.18 -22.51
C VAL A 621 27.73 -10.68 -22.48
N LEU A 622 26.72 -11.10 -23.26
CA LEU A 622 26.45 -12.49 -23.58
C LEU A 622 27.01 -12.80 -24.99
N THR A 623 28.04 -13.67 -25.03
CA THR A 623 28.63 -14.22 -26.25
C THR A 623 28.36 -15.73 -26.44
N ILE A 624 27.91 -16.10 -27.65
CA ILE A 624 27.74 -17.49 -28.13
C ILE A 624 29.11 -18.11 -28.47
N SER A 625 29.27 -19.43 -28.27
CA SER A 625 30.40 -20.21 -28.79
C SER A 625 29.97 -21.61 -29.26
N SER A 627 30.59 -24.57 -29.01
CA SER A 627 30.46 -25.56 -27.89
C SER A 627 30.49 -24.92 -26.48
N LYS A 628 30.49 -25.80 -25.44
CA LYS A 628 30.35 -25.51 -24.00
C LYS A 628 31.48 -24.61 -23.52
N PRO A 629 31.17 -23.43 -22.92
CA PRO A 629 32.18 -22.44 -22.53
C PRO A 629 32.91 -22.80 -21.25
N GLU A 630 34.04 -22.14 -20.99
CA GLU A 630 34.87 -22.41 -19.81
C GLU A 630 34.11 -22.17 -18.49
N HIS A 631 33.27 -21.11 -18.46
CA HIS A 631 32.83 -20.54 -17.20
C HIS A 631 31.30 -20.62 -17.01
N THR A 632 30.65 -21.47 -17.80
CA THR A 632 29.21 -21.71 -17.78
C THR A 632 29.00 -23.21 -17.49
N SER A 633 28.24 -23.54 -16.43
CA SER A 633 27.91 -24.90 -16.05
C SER A 633 26.47 -25.15 -16.47
N TYR A 634 26.03 -26.42 -16.42
CA TYR A 634 24.73 -26.88 -16.88
C TYR A 634 24.02 -27.52 -15.71
N ALA A 635 22.79 -27.04 -15.45
CA ALA A 635 21.97 -27.63 -14.41
C ALA A 635 21.53 -29.04 -14.85
N SER A 636 21.33 -29.94 -13.89
CA SER A 636 20.57 -31.16 -14.16
C SER A 636 19.10 -31.01 -13.78
N ASN A 637 18.34 -31.95 -14.35
CA ASN A 637 16.89 -31.99 -14.35
C ASN A 637 16.47 -33.40 -13.96
N LEU A 638 15.63 -33.47 -12.92
CA LEU A 638 15.10 -34.72 -12.41
C LEU A 638 13.59 -34.57 -12.38
N LEU A 639 12.89 -35.40 -13.16
CA LEU A 639 11.43 -35.48 -13.15
C LEU A 639 10.95 -36.68 -12.33
N LEU A 640 10.20 -36.38 -11.25
CA LEU A 640 9.63 -37.38 -10.35
C LEU A 640 8.12 -37.53 -10.61
N ARG A 641 7.69 -38.72 -11.10
CA ARG A 641 6.28 -39.01 -11.37
C ARG A 641 5.99 -40.48 -11.04
N LEU A 647 11.12 -36.31 -22.37
CA LEU A 647 11.28 -34.84 -22.31
C LEU A 647 12.58 -34.40 -23.03
N PRO A 648 12.52 -34.15 -24.38
CA PRO A 648 13.66 -33.61 -25.14
C PRO A 648 13.97 -32.14 -24.80
N LEU A 649 15.22 -31.65 -25.03
CA LEU A 649 15.65 -30.31 -24.62
C LEU A 649 16.52 -29.51 -25.62
N GLY A 650 16.38 -29.71 -26.94
CA GLY A 650 17.12 -28.94 -27.95
C GLY A 650 18.61 -29.25 -27.94
N GLN A 651 19.46 -28.20 -28.08
CA GLN A 651 20.92 -28.30 -28.10
C GLN A 651 21.54 -28.42 -26.69
N TYR A 652 20.73 -28.82 -25.67
CA TYR A 652 21.02 -28.79 -24.23
C TYR A 652 21.95 -29.94 -23.81
N PRO A 653 23.15 -29.66 -23.20
CA PRO A 653 24.07 -30.71 -22.72
C PRO A 653 23.62 -31.87 -21.84
N GLU A 654 22.98 -31.63 -20.67
CA GLU A 654 22.65 -32.72 -19.73
C GLU A 654 21.24 -33.27 -20.04
N ASP A 655 21.09 -34.58 -20.37
CA ASP A 655 19.80 -35.26 -20.61
C ASP A 655 18.99 -35.40 -19.31
N VAL A 656 17.67 -35.10 -19.36
CA VAL A 656 16.70 -35.25 -18.28
C VAL A 656 16.73 -36.66 -17.67
N LYS A 657 16.77 -36.73 -16.34
CA LYS A 657 16.61 -37.96 -15.57
C LYS A 657 15.21 -38.04 -14.98
N PHE A 658 14.85 -39.26 -14.58
CA PHE A 658 13.50 -39.73 -14.28
C PHE A 658 13.57 -40.62 -13.05
N GLY A 659 12.46 -40.66 -12.32
CA GLY A 659 12.57 -41.10 -10.95
C GLY A 659 11.18 -41.38 -10.43
N ASP A 660 11.14 -42.28 -9.45
CA ASP A 660 9.91 -42.49 -8.72
C ASP A 660 9.74 -41.34 -7.69
N PRO A 661 8.51 -40.94 -7.26
CA PRO A 661 8.37 -39.90 -6.22
C PRO A 661 9.13 -40.28 -4.96
N ARG A 662 9.97 -39.35 -4.43
CA ARG A 662 10.90 -39.51 -3.31
C ARG A 662 11.07 -38.16 -2.61
N GLU A 663 11.35 -38.20 -1.29
CA GLU A 663 12.00 -37.09 -0.57
C GLU A 663 13.26 -36.58 -1.30
N ILE A 664 13.64 -35.29 -1.08
CA ILE A 664 14.72 -34.56 -1.75
C ILE A 664 15.33 -33.53 -0.78
N SER A 665 16.65 -33.44 -0.83
CA SER A 665 17.38 -32.44 -0.08
C SER A 665 18.32 -31.66 -1.04
N LEU A 666 18.28 -30.31 -1.04
CA LEU A 666 19.27 -29.56 -1.84
C LEU A 666 19.95 -28.50 -0.98
N ARG A 667 21.19 -28.15 -1.36
CA ARG A 667 21.89 -26.99 -0.79
C ARG A 667 22.49 -26.18 -1.95
N VAL A 668 22.20 -24.89 -2.08
CA VAL A 668 23.05 -24.09 -2.94
C VAL A 668 24.04 -23.31 -2.09
N GLY A 669 25.30 -23.26 -2.57
CA GLY A 669 26.40 -22.50 -1.96
C GLY A 669 26.66 -22.96 -0.53
N ASN A 670 27.05 -22.06 0.37
CA ASN A 670 27.10 -22.47 1.76
C ASN A 670 25.75 -22.27 2.45
N GLY A 671 24.66 -21.89 1.72
CA GLY A 671 23.40 -21.34 2.24
C GLY A 671 22.63 -22.45 2.90
N PRO A 672 21.29 -22.39 3.13
CA PRO A 672 20.64 -23.44 3.95
C PRO A 672 20.53 -24.74 3.16
N THR A 673 20.32 -25.86 3.87
CA THR A 673 19.96 -27.14 3.24
C THR A 673 18.44 -27.30 3.41
N LEU A 674 17.72 -27.63 2.34
CA LEU A 674 16.27 -27.74 2.40
C LEU A 674 15.88 -29.15 1.99
N ALA A 675 14.99 -29.74 2.79
CA ALA A 675 14.37 -31.04 2.54
C ALA A 675 12.93 -30.80 2.11
N PHE A 676 12.50 -31.59 1.12
CA PHE A 676 11.16 -31.53 0.58
C PHE A 676 10.49 -32.90 0.65
N SER A 677 9.16 -32.84 0.79
CA SER A 677 8.27 -33.99 0.76
C SER A 677 8.32 -34.61 -0.64
N GLU A 678 7.61 -35.75 -0.74
CA GLU A 678 7.52 -36.44 -2.01
C GLU A 678 6.53 -35.74 -2.93
N GLN A 679 5.84 -34.72 -2.37
CA GLN A 679 4.97 -33.87 -3.17
C GLN A 679 5.63 -32.56 -3.54
N GLY A 680 6.90 -32.44 -3.17
CA GLY A 680 7.72 -31.31 -3.56
C GLY A 680 7.36 -30.08 -2.74
N LEU A 681 6.88 -30.30 -1.51
CA LEU A 681 6.64 -29.23 -0.53
C LEU A 681 7.70 -29.31 0.56
N LEU A 682 8.26 -28.15 0.88
CA LEU A 682 9.24 -27.94 1.92
C LEU A 682 8.81 -28.64 3.20
N LYS A 683 9.79 -29.33 3.83
CA LYS A 683 9.51 -30.12 5.03
C LYS A 683 10.43 -29.70 6.17
N SER A 684 11.65 -29.23 5.86
CA SER A 684 12.57 -28.88 6.92
C SER A 684 13.72 -28.06 6.33
N ILE A 685 14.37 -27.28 7.20
CA ILE A 685 15.48 -26.43 6.81
C ILE A 685 16.57 -26.64 7.85
N GLN A 686 17.81 -26.73 7.36
CA GLN A 686 18.99 -26.78 8.18
C GLN A 686 19.85 -25.58 7.79
N LEU A 687 20.09 -24.73 8.78
CA LEU A 687 20.71 -23.45 8.58
C LEU A 687 22.17 -23.60 8.20
N THR A 688 22.91 -24.45 8.91
CA THR A 688 24.36 -24.63 8.76
C THR A 688 24.68 -26.13 8.80
N GLN A 689 25.90 -26.55 8.42
CA GLN A 689 26.36 -27.94 8.42
C GLN A 689 26.18 -28.65 9.77
N ASP A 690 26.25 -27.92 10.88
CA ASP A 690 26.23 -28.57 12.18
C ASP A 690 25.02 -28.17 13.05
N SER A 691 23.98 -27.50 12.49
CA SER A 691 22.78 -27.05 13.22
C SER A 691 21.70 -28.11 12.99
N PRO A 692 20.59 -28.18 13.77
CA PRO A 692 19.51 -29.14 13.52
C PRO A 692 18.67 -28.99 12.26
N HIS A 693 17.99 -30.10 11.94
CA HIS A 693 17.04 -30.18 10.84
C HIS A 693 15.72 -29.60 11.35
N VAL A 694 15.44 -28.34 10.99
CA VAL A 694 14.34 -27.62 11.63
C VAL A 694 13.06 -27.89 10.84
N PRO A 695 12.03 -28.54 11.45
CA PRO A 695 10.78 -28.82 10.74
C PRO A 695 10.13 -27.49 10.31
N VAL A 696 9.71 -27.42 9.04
CA VAL A 696 9.08 -26.27 8.43
C VAL A 696 8.29 -26.84 7.25
N HIS A 697 6.99 -27.14 7.49
CA HIS A 697 6.14 -27.77 6.49
C HIS A 697 5.24 -26.74 5.83
N PHE A 698 5.29 -26.65 4.50
CA PHE A 698 4.25 -26.01 3.70
C PHE A 698 3.08 -26.95 3.41
N LYS A 699 1.81 -26.43 3.52
CA LYS A 699 0.55 -27.11 3.28
C LYS A 699 -0.38 -26.11 2.59
N PHE A 700 -1.12 -26.58 1.56
CA PHE A 700 -2.26 -25.87 0.99
C PHE A 700 -3.55 -26.36 1.66
N LEU A 701 -4.41 -25.44 2.08
CA LEU A 701 -5.74 -25.73 2.62
C LEU A 701 -6.82 -24.90 1.88
N LYS A 702 -8.11 -25.22 2.08
CA LYS A 702 -9.19 -24.46 1.47
C LYS A 702 -10.22 -24.10 2.54
N TYR A 703 -10.74 -22.87 2.48
CA TYR A 703 -11.82 -22.39 3.33
C TYR A 703 -13.05 -22.32 2.42
N GLY A 704 -14.25 -22.63 3.00
CA GLY A 704 -15.57 -22.43 2.40
C GLY A 704 -16.32 -21.14 2.78
N VAL A 705 -17.58 -21.02 2.27
CA VAL A 705 -18.57 -19.99 2.60
C VAL A 705 -19.72 -20.63 3.39
N ARG A 706 -20.61 -19.81 4.00
CA ARG A 706 -21.54 -20.27 5.03
C ARG A 706 -22.74 -21.07 4.48
N SER A 707 -23.09 -22.20 5.18
CA SER A 707 -24.37 -22.91 5.17
C SER A 707 -25.54 -21.91 5.34
N HIS A 708 -26.06 -21.73 6.56
CA HIS A 708 -26.81 -20.51 6.85
C HIS A 708 -25.82 -19.40 7.22
N GLY A 709 -26.29 -18.17 7.48
CA GLY A 709 -25.43 -17.08 7.96
C GLY A 709 -25.16 -16.05 6.87
N ASP A 710 -24.18 -15.18 7.08
CA ASP A 710 -23.74 -14.28 6.01
C ASP A 710 -22.73 -14.96 5.08
N ARG A 711 -22.80 -14.57 3.79
CA ARG A 711 -21.91 -15.01 2.72
C ARG A 711 -20.71 -14.04 2.59
N SER A 712 -19.48 -14.57 2.66
CA SER A 712 -18.25 -13.91 2.18
C SER A 712 -18.49 -13.22 0.82
N GLY A 713 -17.84 -12.05 0.57
CA GLY A 713 -17.96 -11.25 -0.67
C GLY A 713 -16.59 -10.60 -0.93
N ALA A 714 -16.57 -9.44 -1.61
CA ALA A 714 -15.31 -8.75 -1.90
C ALA A 714 -14.62 -8.23 -0.63
N TYR A 715 -15.42 -7.89 0.38
CA TYR A 715 -15.10 -7.24 1.64
C TYR A 715 -14.99 -8.26 2.76
N LEU A 716 -15.99 -9.16 2.91
CA LEU A 716 -16.16 -9.88 4.18
C LEU A 716 -15.48 -11.24 4.08
N PHE A 717 -14.85 -11.72 5.17
CA PHE A 717 -14.39 -13.11 5.18
C PHE A 717 -15.22 -13.86 6.23
N LEU A 718 -16.08 -14.79 5.77
CA LEU A 718 -16.99 -15.56 6.62
C LEU A 718 -16.76 -17.05 6.31
N PRO A 719 -15.62 -17.60 6.81
CA PRO A 719 -15.32 -19.04 6.71
C PRO A 719 -16.33 -19.84 7.52
N ASN A 720 -16.70 -21.02 7.01
CA ASN A 720 -17.52 -21.94 7.79
C ASN A 720 -16.59 -22.98 8.40
N GLY A 721 -15.84 -22.57 9.44
CA GLY A 721 -14.93 -23.40 10.20
C GLY A 721 -13.48 -23.33 9.72
N PRO A 722 -12.54 -24.01 10.44
CA PRO A 722 -11.13 -24.09 10.05
C PRO A 722 -11.02 -24.58 8.62
N ALA A 723 -9.97 -24.17 7.87
CA ALA A 723 -9.70 -24.65 6.51
C ALA A 723 -9.43 -26.17 6.50
N SER A 724 -9.68 -26.86 5.38
CA SER A 724 -9.31 -28.27 5.31
C SER A 724 -8.22 -28.46 4.27
N PRO A 725 -7.34 -29.47 4.43
CA PRO A 725 -6.25 -29.71 3.44
C PRO A 725 -6.67 -29.93 1.98
N VAL A 726 -5.93 -29.41 1.01
CA VAL A 726 -6.20 -29.72 -0.40
C VAL A 726 -5.64 -31.10 -0.70
N GLU A 727 -6.39 -31.91 -1.46
CA GLU A 727 -5.94 -33.24 -1.90
C GLU A 727 -5.00 -33.06 -3.09
N LEU A 728 -3.74 -33.48 -2.91
CA LEU A 728 -2.67 -33.16 -3.87
C LEU A 728 -2.51 -34.26 -4.91
N GLY A 729 -3.05 -35.46 -4.63
CA GLY A 729 -2.85 -36.67 -5.42
C GLY A 729 -1.36 -37.07 -5.44
N GLN A 730 -0.91 -37.54 -6.61
CA GLN A 730 0.51 -37.84 -6.82
C GLN A 730 1.00 -36.93 -7.96
N PRO A 731 1.42 -35.66 -7.67
CA PRO A 731 1.72 -34.70 -8.74
C PRO A 731 3.13 -34.85 -9.28
N VAL A 732 3.41 -34.24 -10.43
CA VAL A 732 4.75 -34.24 -11.01
C VAL A 732 5.63 -33.19 -10.33
N VAL A 733 6.73 -33.68 -9.75
CA VAL A 733 7.73 -32.82 -9.13
C VAL A 733 8.94 -32.82 -10.04
N LEU A 734 9.24 -31.61 -10.58
CA LEU A 734 10.43 -31.16 -11.31
C LEU A 734 11.51 -30.61 -10.36
N VAL A 735 12.72 -31.18 -10.41
CA VAL A 735 13.88 -30.76 -9.65
C VAL A 735 14.98 -30.32 -10.61
N THR A 736 15.49 -29.08 -10.43
CA THR A 736 16.63 -28.59 -11.19
C THR A 736 17.78 -28.28 -10.24
N LYS A 737 18.97 -28.78 -10.58
CA LYS A 737 20.07 -28.67 -9.65
C LYS A 737 21.23 -28.03 -10.36
N GLY A 738 21.67 -26.87 -9.83
CA GLY A 738 22.78 -26.16 -10.48
C GLY A 738 23.70 -25.59 -9.42
N LYS A 739 24.84 -25.09 -9.84
CA LYS A 739 25.81 -24.53 -8.90
C LYS A 739 25.38 -23.13 -8.41
N LEU A 740 24.64 -22.34 -9.25
CA LEU A 740 24.25 -21.00 -8.86
C LEU A 740 22.81 -20.96 -8.30
N GLU A 741 21.97 -21.89 -8.74
CA GLU A 741 20.54 -21.85 -8.57
C GLU A 741 19.98 -23.26 -8.80
N SER A 742 19.14 -23.68 -7.86
CA SER A 742 18.42 -24.93 -7.87
C SER A 742 16.96 -24.64 -7.48
N SER A 743 16.04 -25.55 -7.82
CA SER A 743 14.64 -25.31 -7.49
C SER A 743 13.82 -26.59 -7.52
N VAL A 744 12.68 -26.58 -6.80
CA VAL A 744 11.73 -27.68 -6.74
C VAL A 744 10.36 -27.11 -7.17
N SER A 745 9.75 -27.63 -8.26
CA SER A 745 8.48 -27.13 -8.76
C SER A 745 7.51 -28.28 -8.78
N VAL A 746 6.24 -27.99 -8.51
CA VAL A 746 5.21 -29.02 -8.49
C VAL A 746 3.90 -28.44 -9.02
N GLY A 747 3.24 -29.21 -9.89
CA GLY A 747 1.94 -28.88 -10.45
C GLY A 747 0.87 -29.43 -9.55
N LEU A 748 0.35 -28.59 -8.66
CA LEU A 748 -0.72 -28.96 -7.75
C LEU A 748 -2.03 -28.61 -8.45
N PRO A 749 -3.24 -29.05 -7.99
CA PRO A 749 -4.48 -28.62 -8.65
C PRO A 749 -4.59 -27.16 -8.18
N SER A 750 -4.63 -26.24 -9.19
CA SER A 750 -4.79 -24.79 -8.96
C SER A 750 -3.51 -23.96 -8.90
N VAL A 751 -2.35 -24.59 -8.60
CA VAL A 751 -1.18 -23.85 -8.18
C VAL A 751 0.04 -24.55 -8.70
N VAL A 752 0.87 -23.83 -9.47
CA VAL A 752 2.23 -24.29 -9.65
C VAL A 752 3.06 -23.66 -8.54
N HIS A 753 3.66 -24.51 -7.67
CA HIS A 753 4.40 -24.10 -6.48
C HIS A 753 5.89 -24.34 -6.69
N GLN A 754 6.75 -23.34 -6.46
CA GLN A 754 8.19 -23.52 -6.66
C GLN A 754 8.96 -22.95 -5.48
N THR A 755 10.05 -23.65 -5.10
CA THR A 755 11.03 -23.17 -4.15
C THR A 755 12.34 -23.00 -4.89
N ILE A 756 12.88 -21.79 -4.87
CA ILE A 756 14.10 -21.46 -5.60
C ILE A 756 15.20 -21.22 -4.56
N MET A 757 16.39 -21.77 -4.85
CA MET A 757 17.55 -21.68 -3.98
C MET A 757 18.71 -20.99 -4.68
N ARG A 758 19.23 -19.93 -4.06
CA ARG A 758 20.30 -19.15 -4.64
C ARG A 758 21.43 -19.03 -3.62
N GLY A 759 21.32 -19.69 -2.46
CA GLY A 759 22.33 -19.45 -1.45
C GLY A 759 21.86 -18.81 -0.14
N GLY A 760 20.74 -18.08 -0.11
CA GLY A 760 20.32 -17.63 1.20
C GLY A 760 18.94 -18.20 1.48
N ALA A 761 18.09 -17.32 2.05
CA ALA A 761 16.65 -17.54 2.19
C ALA A 761 16.07 -17.90 0.83
N PRO A 762 15.36 -19.06 0.67
CA PRO A 762 14.76 -19.38 -0.62
C PRO A 762 13.68 -18.34 -0.99
N GLU A 763 13.31 -18.32 -2.28
CA GLU A 763 12.16 -17.64 -2.86
C GLU A 763 11.06 -18.67 -3.18
N ILE A 764 9.79 -18.33 -2.87
CA ILE A 764 8.65 -19.14 -3.18
C ILE A 764 7.86 -18.39 -4.23
N ARG A 765 7.51 -19.11 -5.33
CA ARG A 765 6.56 -18.68 -6.31
C ARG A 765 5.39 -19.63 -6.34
N ASN A 766 4.17 -19.03 -6.39
CA ASN A 766 2.91 -19.69 -6.67
C ASN A 766 2.32 -18.99 -7.91
N LEU A 767 2.20 -19.77 -8.99
CA LEU A 767 1.28 -19.44 -10.07
C LEU A 767 -0.12 -19.96 -9.67
N VAL A 768 -1.02 -19.04 -9.28
CA VAL A 768 -2.33 -19.39 -8.75
C VAL A 768 -3.37 -19.15 -9.83
N ASP A 769 -4.07 -20.26 -10.16
CA ASP A 769 -5.28 -20.28 -10.99
C ASP A 769 -6.40 -20.98 -10.21
N ILE A 770 -7.22 -20.18 -9.48
CA ILE A 770 -8.36 -20.68 -8.73
C ILE A 770 -9.42 -21.13 -9.76
N GLY A 771 -9.36 -20.62 -11.01
CA GLY A 771 -10.19 -21.09 -12.12
C GLY A 771 -11.67 -21.26 -11.76
N SER A 772 -12.08 -22.51 -11.49
CA SER A 772 -13.46 -22.96 -11.32
C SER A 772 -14.00 -22.72 -9.91
N LEU A 773 -13.24 -23.22 -8.92
CA LEU A 773 -13.62 -23.71 -7.60
C LEU A 773 -14.41 -22.66 -6.82
N ASP A 774 -15.72 -22.70 -6.99
CA ASP A 774 -16.57 -21.66 -6.43
C ASP A 774 -16.72 -21.85 -4.93
N ASN A 775 -16.89 -20.72 -4.22
CA ASN A 775 -16.99 -20.57 -2.76
C ASN A 775 -15.78 -21.16 -2.05
N THR A 776 -14.56 -20.88 -2.57
CA THR A 776 -13.32 -21.43 -2.07
C THR A 776 -12.33 -20.30 -1.86
N GLU A 777 -11.55 -20.42 -0.77
CA GLU A 777 -10.41 -19.55 -0.53
C GLU A 777 -9.21 -20.45 -0.34
N ILE A 778 -8.11 -20.22 -1.09
CA ILE A 778 -6.93 -21.07 -1.06
C ILE A 778 -5.90 -20.42 -0.14
N VAL A 779 -5.45 -21.18 0.87
CA VAL A 779 -4.55 -20.65 1.88
C VAL A 779 -3.20 -21.37 1.75
N MET A 780 -2.10 -20.67 2.04
CA MET A 780 -0.82 -21.36 2.14
C MET A 780 -0.38 -21.24 3.58
N ARG A 781 -0.17 -22.38 4.26
CA ARG A 781 0.22 -22.42 5.66
C ARG A 781 1.63 -23.01 5.82
N LEU A 782 2.38 -22.52 6.83
CA LEU A 782 3.65 -23.00 7.33
C LEU A 782 3.42 -23.54 8.74
N GLU A 783 4.04 -24.68 9.06
CA GLU A 783 3.88 -25.36 10.34
C GLU A 783 5.24 -25.63 10.96
N THR A 784 5.47 -25.05 12.15
CA THR A 784 6.74 -25.19 12.85
C THR A 784 6.49 -25.66 14.28
N HIS A 785 7.61 -25.86 14.98
CA HIS A 785 7.65 -26.21 16.40
C HIS A 785 8.04 -24.95 17.17
N ILE A 786 8.13 -23.79 16.46
CA ILE A 786 8.42 -22.52 17.09
C ILE A 786 7.33 -22.26 18.11
N ASP A 787 7.74 -21.92 19.35
CA ASP A 787 6.81 -21.85 20.49
C ASP A 787 6.23 -20.42 20.59
N SER A 788 5.52 -20.00 19.52
CA SER A 788 5.05 -18.63 19.38
C SER A 788 3.85 -18.36 20.29
N GLY A 789 3.13 -19.41 20.70
CA GLY A 789 1.91 -19.29 21.48
C GLY A 789 0.81 -18.55 20.73
N ASP A 790 0.45 -17.35 21.19
CA ASP A 790 -0.68 -16.63 20.60
C ASP A 790 -0.16 -15.37 19.90
N ILE A 791 1.18 -15.18 19.88
CA ILE A 791 1.81 -13.96 19.39
C ILE A 791 2.22 -14.16 17.93
N PHE A 792 1.97 -13.13 17.11
CA PHE A 792 2.53 -13.04 15.77
C PHE A 792 2.70 -11.57 15.37
N TYR A 793 3.34 -11.35 14.22
CA TYR A 793 3.74 -10.01 13.76
C TYR A 793 3.49 -9.88 12.26
N THR A 794 2.76 -8.82 11.91
CA THR A 794 2.37 -8.48 10.56
C THR A 794 2.78 -7.03 10.36
N ASP A 795 3.05 -6.61 9.12
CA ASP A 795 3.49 -5.24 8.88
C ASP A 795 2.30 -4.36 8.48
N LEU A 796 2.51 -3.04 8.54
CA LEU A 796 1.50 -2.05 8.16
C LEU A 796 2.15 -1.18 7.10
N ASN A 797 1.64 -1.28 5.88
CA ASN A 797 2.01 -0.51 4.70
C ASN A 797 3.48 -0.66 4.30
N GLY A 798 4.13 -1.73 4.76
CA GLY A 798 5.51 -2.00 4.41
C GLY A 798 6.47 -1.11 5.17
N LEU A 799 6.01 -0.52 6.29
CA LEU A 799 6.68 0.57 7.01
C LEU A 799 7.07 0.07 8.40
N GLN A 800 6.25 -0.78 8.99
CA GLN A 800 6.43 -1.10 10.41
C GLN A 800 5.84 -2.46 10.68
N PHE A 801 6.39 -3.17 11.65
CA PHE A 801 5.79 -4.42 12.09
C PHE A 801 5.04 -4.26 13.42
N ILE A 802 3.79 -4.71 13.47
CA ILE A 802 3.01 -4.60 14.70
C ILE A 802 2.72 -5.98 15.30
N LYS A 803 2.81 -6.04 16.63
CA LYS A 803 2.43 -7.23 17.40
C LYS A 803 0.92 -7.46 17.33
N ARG A 804 0.54 -8.73 17.05
CA ARG A 804 -0.84 -9.18 17.06
C ARG A 804 -0.96 -10.33 18.09
N ARG A 805 -2.11 -10.43 18.75
CA ARG A 805 -2.37 -11.58 19.61
C ARG A 805 -3.61 -12.25 19.03
N ARG A 806 -3.50 -13.54 18.75
CA ARG A 806 -4.66 -14.32 18.38
C ARG A 806 -5.62 -14.36 19.58
N LEU A 807 -6.91 -14.10 19.32
CA LEU A 807 -7.98 -14.02 20.30
C LEU A 807 -9.03 -15.06 19.99
N ASP A 808 -9.13 -16.06 20.88
CA ASP A 808 -10.06 -17.16 20.74
C ASP A 808 -11.48 -16.72 21.03
N LYS A 809 -11.65 -15.63 21.80
CA LYS A 809 -12.97 -15.03 22.00
C LYS A 809 -13.52 -14.41 20.69
N LEU A 810 -12.68 -14.15 19.67
CA LEU A 810 -13.16 -13.55 18.44
C LEU A 810 -13.25 -14.63 17.37
N PRO A 811 -14.17 -14.57 16.37
CA PRO A 811 -14.13 -15.48 15.22
C PRO A 811 -12.86 -15.45 14.37
N LEU A 812 -12.74 -16.48 13.55
CA LEU A 812 -11.52 -16.79 12.82
C LEU A 812 -11.19 -15.58 11.92
N GLN A 813 -12.17 -15.08 11.17
CA GLN A 813 -12.00 -13.92 10.28
C GLN A 813 -11.47 -12.68 10.99
N ALA A 814 -11.64 -12.58 12.31
CA ALA A 814 -11.15 -11.43 13.07
C ALA A 814 -9.67 -11.62 13.46
N ASN A 815 -9.14 -12.85 13.31
CA ASN A 815 -7.71 -13.01 13.56
C ASN A 815 -6.88 -12.87 12.28
N TYR A 816 -7.54 -12.65 11.12
CA TYR A 816 -6.89 -12.35 9.86
C TYR A 816 -6.55 -10.87 9.86
N TYR A 817 -5.32 -10.53 9.40
CA TYR A 817 -4.88 -9.13 9.36
C TYR A 817 -4.27 -8.84 8.00
N PRO A 818 -4.12 -7.55 7.59
CA PRO A 818 -3.45 -7.26 6.30
C PRO A 818 -2.01 -7.84 6.38
N ILE A 819 -1.50 -8.47 5.34
CA ILE A 819 -0.06 -8.77 5.21
C ILE A 819 0.46 -7.99 4.00
N PRO A 820 0.66 -6.64 4.12
CA PRO A 820 1.15 -5.90 2.97
C PRO A 820 2.55 -6.20 2.49
N SER A 821 3.49 -6.56 3.39
CA SER A 821 4.80 -7.01 2.95
C SER A 821 5.42 -8.18 3.72
N GLY A 822 4.99 -8.52 4.93
CA GLY A 822 5.63 -9.61 5.64
C GLY A 822 4.95 -9.88 7.00
N MET A 823 5.30 -11.03 7.55
CA MET A 823 4.77 -11.52 8.80
C MET A 823 5.82 -12.46 9.41
N PHE A 824 5.75 -12.63 10.73
CA PHE A 824 6.70 -13.48 11.42
C PHE A 824 6.15 -13.99 12.74
N ILE A 825 6.67 -15.16 13.14
CA ILE A 825 6.49 -15.67 14.51
C ILE A 825 7.87 -15.97 15.11
N GLU A 826 7.96 -15.99 16.46
CA GLU A 826 9.25 -16.27 17.10
C GLU A 826 9.10 -16.90 18.48
N ASP A 827 10.19 -17.51 19.00
CA ASP A 827 10.17 -17.87 20.41
C ASP A 827 11.42 -17.31 21.03
N ALA A 828 11.89 -17.95 22.13
CA ALA A 828 13.16 -17.61 22.74
C ALA A 828 14.32 -17.74 21.75
N ASN A 829 14.26 -18.72 20.83
CA ASN A 829 15.45 -19.10 20.07
C ASN A 829 15.38 -18.79 18.57
N THR A 830 14.19 -19.03 18.00
CA THR A 830 13.92 -19.16 16.56
C THR A 830 12.85 -18.17 16.09
N ARG A 831 13.14 -17.51 14.94
CA ARG A 831 12.19 -16.76 14.12
C ARG A 831 12.01 -17.38 12.75
N LEU A 832 10.77 -17.35 12.30
CA LEU A 832 10.44 -17.56 10.91
C LEU A 832 9.71 -16.34 10.41
N THR A 833 10.20 -15.76 9.29
CA THR A 833 9.60 -14.57 8.66
C THR A 833 9.25 -14.94 7.20
N LEU A 834 8.00 -14.64 6.81
CA LEU A 834 7.63 -14.70 5.41
C LEU A 834 7.49 -13.27 4.85
N LEU A 835 8.34 -12.91 3.85
CA LEU A 835 8.23 -11.65 3.07
C LEU A 835 7.42 -11.89 1.80
N THR A 836 6.55 -10.91 1.42
CA THR A 836 5.65 -10.98 0.27
C THR A 836 6.00 -9.91 -0.80
N GLY A 837 5.74 -10.25 -2.08
CA GLY A 837 5.83 -9.32 -3.19
C GLY A 837 4.49 -8.62 -3.52
N GLN A 838 3.49 -8.74 -2.62
CA GLN A 838 2.08 -8.45 -2.95
C GLN A 838 1.28 -8.45 -1.68
N PRO A 839 0.30 -7.52 -1.52
CA PRO A 839 -0.54 -7.55 -0.34
C PRO A 839 -1.53 -8.68 -0.35
N LEU A 840 -1.55 -9.47 0.76
CA LEU A 840 -2.53 -10.55 0.91
C LEU A 840 -3.02 -10.63 2.36
N GLY A 841 -4.10 -11.37 2.62
CA GLY A 841 -4.52 -11.52 4.01
C GLY A 841 -3.83 -12.68 4.74
N GLY A 842 -3.69 -12.63 6.07
CA GLY A 842 -2.97 -13.71 6.74
C GLY A 842 -3.20 -13.71 8.24
N SER A 843 -2.78 -14.81 8.88
CA SER A 843 -2.91 -14.98 10.33
C SER A 843 -1.85 -15.96 10.84
N SER A 844 -1.76 -16.09 12.19
CA SER A 844 -1.15 -17.21 12.86
C SER A 844 -2.21 -17.81 13.78
N LEU A 845 -2.90 -18.83 13.26
CA LEU A 845 -4.09 -19.35 13.93
C LEU A 845 -3.76 -20.45 14.97
N ALA A 846 -2.49 -20.83 15.12
CA ALA A 846 -2.06 -21.72 16.21
C ALA A 846 -0.56 -21.50 16.41
N SER A 847 -0.08 -21.90 17.58
CA SER A 847 1.31 -21.79 17.96
C SER A 847 2.19 -22.35 16.83
N GLY A 848 3.23 -21.63 16.46
CA GLY A 848 4.16 -22.14 15.47
C GLY A 848 3.67 -22.12 14.02
N GLU A 849 2.48 -21.53 13.73
CA GLU A 849 2.03 -21.45 12.34
C GLU A 849 2.09 -20.02 11.80
N LEU A 850 2.21 -19.90 10.45
CA LEU A 850 1.94 -18.69 9.65
C LEU A 850 1.07 -19.13 8.49
N GLU A 851 0.16 -18.25 8.00
CA GLU A 851 -0.76 -18.58 6.92
C GLU A 851 -1.18 -17.31 6.14
N ILE A 852 -1.33 -17.44 4.82
CA ILE A 852 -1.55 -16.32 3.94
C ILE A 852 -2.42 -16.78 2.78
N MET A 853 -3.55 -16.08 2.56
CA MET A 853 -4.49 -16.40 1.51
C MET A 853 -3.92 -16.09 0.13
N GLN A 854 -4.20 -16.99 -0.86
CA GLN A 854 -3.60 -16.98 -2.18
C GLN A 854 -4.58 -16.40 -3.18
N ASP A 855 -5.82 -16.88 -3.09
CA ASP A 855 -6.92 -16.34 -3.89
C ASP A 855 -8.22 -16.78 -3.24
N ARG A 856 -9.33 -16.24 -3.77
CA ARG A 856 -10.71 -16.41 -3.30
C ARG A 856 -11.65 -16.22 -4.47
N ARG A 857 -12.61 -17.15 -4.58
CA ARG A 857 -13.66 -17.10 -5.59
C ARG A 857 -15.02 -17.28 -4.92
N LEU A 858 -15.98 -16.40 -5.24
CA LEU A 858 -17.12 -16.16 -4.37
C LEU A 858 -18.41 -15.90 -5.16
N ALA A 859 -19.36 -16.82 -4.99
CA ALA A 859 -20.56 -16.77 -5.80
C ALA A 859 -21.51 -15.66 -5.30
N SER A 860 -21.43 -15.27 -4.02
CA SER A 860 -22.40 -14.36 -3.38
C SER A 860 -21.85 -12.93 -3.19
N ASP A 861 -22.74 -11.91 -3.30
CA ASP A 861 -22.43 -10.55 -2.84
C ASP A 861 -22.57 -10.51 -1.33
N ASP A 862 -21.79 -9.64 -0.67
CA ASP A 862 -21.79 -9.62 0.79
C ASP A 862 -22.55 -8.40 1.28
N GLU A 863 -23.28 -7.78 0.32
CA GLU A 863 -24.31 -6.76 0.50
C GLU A 863 -23.68 -5.48 1.09
N ARG A 864 -22.49 -5.05 0.60
CA ARG A 864 -21.84 -3.84 1.09
C ARG A 864 -21.88 -2.71 0.06
N GLY A 865 -22.59 -2.97 -1.05
CA GLY A 865 -22.97 -2.02 -2.08
C GLY A 865 -22.59 -2.48 -3.49
N LEU A 866 -21.67 -3.47 -3.60
CA LEU A 866 -20.98 -3.84 -4.83
C LEU A 866 -21.91 -4.59 -5.82
N GLY A 867 -22.87 -5.38 -5.29
CA GLY A 867 -23.87 -6.10 -6.10
C GLY A 867 -23.41 -7.47 -6.62
N GLN A 868 -22.09 -7.67 -6.75
CA GLN A 868 -21.43 -8.91 -7.17
C GLN A 868 -20.65 -9.59 -6.04
N GLY A 869 -20.39 -10.89 -6.21
CA GLY A 869 -19.27 -11.59 -5.58
C GLY A 869 -17.96 -11.41 -6.37
N VAL A 870 -17.00 -12.31 -6.18
CA VAL A 870 -15.75 -12.20 -6.89
C VAL A 870 -15.61 -13.41 -7.84
N LEU A 871 -15.88 -13.16 -9.13
CA LEU A 871 -16.13 -14.22 -10.08
C LEU A 871 -15.23 -14.06 -11.30
N ASP A 872 -14.22 -13.17 -11.18
CA ASP A 872 -13.42 -12.67 -12.29
C ASP A 872 -11.92 -13.03 -12.16
N ASN A 873 -11.54 -14.06 -11.39
CA ASN A 873 -10.11 -14.30 -11.08
C ASN A 873 -9.28 -14.57 -12.35
N LYS A 874 -7.96 -14.39 -12.22
CA LYS A 874 -7.03 -14.65 -13.30
C LYS A 874 -5.72 -15.15 -12.69
N PRO A 875 -4.88 -15.92 -13.45
CA PRO A 875 -3.54 -16.34 -12.98
C PRO A 875 -2.63 -15.23 -12.52
N VAL A 876 -2.22 -15.35 -11.27
CA VAL A 876 -1.25 -14.42 -10.71
C VAL A 876 -0.05 -15.22 -10.22
N LEU A 877 1.13 -14.65 -10.50
CA LEU A 877 2.35 -15.08 -9.86
C LEU A 877 2.61 -14.27 -8.58
N HIS A 878 2.43 -14.93 -7.42
CA HIS A 878 2.80 -14.52 -6.05
C HIS A 878 4.27 -14.87 -5.78
N ILE A 879 5.03 -13.93 -5.17
CA ILE A 879 6.43 -14.19 -4.83
C ILE A 879 6.67 -13.91 -3.36
N TYR A 880 7.57 -14.71 -2.79
CA TYR A 880 7.78 -14.65 -1.34
C TYR A 880 9.26 -14.89 -1.03
N ARG A 881 9.72 -14.46 0.15
CA ARG A 881 10.99 -15.00 0.65
C ARG A 881 10.75 -15.65 2.01
N LEU A 882 11.59 -16.66 2.37
CA LEU A 882 11.31 -17.46 3.58
C LEU A 882 12.56 -17.53 4.44
N VAL A 883 12.51 -16.84 5.60
CA VAL A 883 13.72 -16.59 6.40
C VAL A 883 13.57 -17.31 7.75
N LEU A 884 14.29 -18.43 7.98
CA LEU A 884 14.42 -19.02 9.32
C LEU A 884 15.72 -18.55 9.97
N GLU A 885 15.64 -18.07 11.22
CA GLU A 885 16.82 -17.46 11.82
C GLU A 885 16.89 -17.80 13.31
N LYS A 886 18.11 -17.75 13.88
CA LYS A 886 18.34 -17.95 15.30
C LYS A 886 18.32 -16.55 15.87
N VAL A 887 17.52 -16.30 16.91
CA VAL A 887 17.37 -14.93 17.43
C VAL A 887 17.89 -14.71 18.86
N ASN A 888 18.32 -15.78 19.54
CA ASN A 888 18.72 -15.75 20.95
C ASN A 888 19.89 -14.80 21.21
N ASN A 889 20.68 -14.43 20.21
CA ASN A 889 21.70 -13.42 20.43
C ASN A 889 21.33 -12.12 19.73
N CYS A 890 20.01 -11.86 19.57
CA CYS A 890 19.51 -10.57 19.07
C CYS A 890 18.97 -9.77 20.24
N VAL A 891 19.23 -8.44 20.22
CA VAL A 891 18.63 -7.53 21.20
C VAL A 891 17.17 -7.36 20.80
N ARG A 892 16.27 -8.07 21.49
CA ARG A 892 14.83 -7.91 21.30
C ARG A 892 14.23 -6.87 22.23
N PRO A 893 13.14 -6.21 21.76
CA PRO A 893 12.30 -5.38 22.65
C PRO A 893 11.70 -6.22 23.77
N SER A 894 11.33 -5.53 24.86
CA SER A 894 10.76 -6.18 26.03
C SER A 894 9.44 -6.80 25.62
N GLU A 895 8.97 -7.81 26.37
CA GLU A 895 7.65 -8.44 26.36
C GLU A 895 6.50 -7.44 26.12
N LEU A 896 6.67 -6.18 26.56
CA LEU A 896 5.57 -5.25 26.63
C LEU A 896 5.54 -4.32 25.41
N HIS A 897 6.60 -4.34 24.56
CA HIS A 897 6.68 -3.42 23.42
C HIS A 897 5.66 -3.81 22.34
N PRO A 898 4.80 -2.91 21.78
CA PRO A 898 3.86 -3.31 20.74
C PRO A 898 4.36 -3.54 19.31
N ALA A 899 5.67 -3.32 19.08
CA ALA A 899 6.35 -3.38 17.79
C ALA A 899 7.30 -4.59 17.78
N GLY A 900 7.57 -5.09 16.56
CA GLY A 900 8.71 -5.97 16.26
C GLY A 900 9.51 -5.35 15.12
N TYR A 901 10.73 -5.89 14.94
CA TYR A 901 11.76 -5.37 14.03
C TYR A 901 12.40 -6.54 13.26
N LEU A 902 12.66 -6.35 11.95
CA LEU A 902 13.24 -7.34 11.05
C LEU A 902 14.73 -7.44 11.36
N THR A 903 15.31 -8.63 11.09
CA THR A 903 16.76 -8.74 10.97
C THR A 903 17.26 -8.13 9.64
N SER A 904 18.60 -7.99 9.53
CA SER A 904 19.23 -7.56 8.30
C SER A 904 18.85 -8.51 7.17
N ALA A 905 18.92 -9.84 7.41
CA ALA A 905 18.54 -10.78 6.36
C ALA A 905 17.08 -10.60 5.93
N ALA A 906 16.13 -10.42 6.88
CA ALA A 906 14.74 -10.38 6.45
C ALA A 906 14.43 -9.05 5.73
N HIS A 907 15.11 -8.00 6.17
CA HIS A 907 14.97 -6.70 5.56
C HIS A 907 15.44 -6.77 4.11
N LYS A 908 16.63 -7.37 3.87
CA LYS A 908 17.23 -7.43 2.54
C LYS A 908 16.37 -8.34 1.66
N ALA A 909 15.83 -9.41 2.26
CA ALA A 909 14.97 -10.31 1.49
C ALA A 909 13.68 -9.57 0.97
N SER A 910 13.12 -8.69 1.82
CA SER A 910 11.99 -7.85 1.45
C SER A 910 12.40 -6.95 0.28
N GLN A 911 13.58 -6.32 0.36
CA GLN A 911 14.11 -5.39 -0.63
C GLN A 911 14.33 -6.10 -1.97
N SER A 912 14.73 -7.38 -1.90
CA SER A 912 14.88 -8.18 -3.10
C SER A 912 13.51 -8.46 -3.77
N LEU A 913 12.42 -8.62 -3.00
CA LEU A 913 11.07 -8.70 -3.51
C LEU A 913 10.52 -7.39 -4.10
N LEU A 914 10.70 -6.25 -3.43
CA LEU A 914 9.96 -5.06 -3.90
C LEU A 914 10.77 -4.22 -4.88
N ASP A 915 12.10 -4.18 -4.74
CA ASP A 915 13.01 -3.37 -5.53
C ASP A 915 14.17 -4.27 -6.04
N PRO A 916 13.88 -5.24 -6.95
CA PRO A 916 14.94 -6.10 -7.51
C PRO A 916 15.74 -5.22 -8.49
N LEU A 917 16.82 -5.80 -9.03
CA LEU A 917 17.53 -5.22 -10.17
C LEU A 917 16.62 -5.13 -11.38
N ASP A 918 16.67 -4.01 -12.13
CA ASP A 918 16.05 -3.88 -13.44
C ASP A 918 16.99 -4.45 -14.53
N LYS A 919 16.42 -5.10 -15.57
CA LYS A 919 17.22 -5.73 -16.61
C LYS A 919 16.87 -5.06 -17.95
N PHE A 920 17.91 -4.70 -18.73
CA PHE A 920 17.77 -4.08 -20.04
C PHE A 920 18.59 -4.84 -21.09
N ILE A 921 17.93 -5.18 -22.20
CA ILE A 921 18.56 -5.83 -23.33
C ILE A 921 18.72 -4.77 -24.43
N PHE A 922 19.95 -4.52 -24.87
CA PHE A 922 20.13 -3.60 -25.99
C PHE A 922 19.39 -4.10 -27.24
N ALA A 923 18.59 -3.22 -27.84
CA ALA A 923 17.65 -3.72 -28.85
C ALA A 923 18.30 -3.89 -30.22
N GLU A 924 19.43 -3.21 -30.44
CA GLU A 924 20.12 -3.15 -31.72
C GLU A 924 21.34 -4.06 -31.68
N ASN A 925 22.11 -4.05 -32.79
CA ASN A 925 23.17 -5.00 -33.02
C ASN A 925 24.49 -4.45 -32.52
N GLU A 926 24.70 -3.13 -32.63
CA GLU A 926 25.93 -2.46 -32.22
C GLU A 926 25.57 -1.22 -31.36
N TRP A 927 26.40 -0.98 -30.34
CA TRP A 927 26.29 0.04 -29.31
C TRP A 927 27.65 0.72 -29.18
N ILE A 928 27.90 1.60 -30.14
CA ILE A 928 29.09 2.43 -30.09
C ILE A 928 28.76 3.46 -29.03
N GLY A 929 29.82 3.74 -28.29
CA GLY A 929 29.71 4.64 -27.16
C GLY A 929 29.63 3.88 -25.84
N ALA A 930 29.30 2.57 -25.92
CA ALA A 930 28.89 1.76 -24.76
C ALA A 930 29.84 2.00 -23.60
N GLN A 931 29.26 2.33 -22.44
CA GLN A 931 30.08 2.23 -21.25
C GLN A 931 29.69 1.07 -20.33
N GLY A 932 30.57 0.75 -19.37
CA GLY A 932 30.48 -0.49 -18.60
C GLY A 932 29.76 -0.33 -17.25
N GLN A 933 29.67 0.90 -16.69
CA GLN A 933 29.15 1.14 -15.34
C GLN A 933 28.75 2.61 -15.16
N PHE A 934 27.71 2.88 -14.35
CA PHE A 934 27.38 4.22 -13.87
C PHE A 934 27.19 4.16 -12.34
N GLY A 935 27.70 5.17 -11.66
CA GLY A 935 27.45 5.35 -10.24
C GLY A 935 28.47 4.63 -9.38
N GLY A 936 29.62 4.27 -9.97
CA GLY A 936 30.64 3.57 -9.18
C GLY A 936 31.25 4.43 -8.07
N ASP A 937 31.06 5.75 -8.14
CA ASP A 937 31.55 6.74 -7.18
C ASP A 937 30.46 7.04 -6.12
N HIS A 938 29.19 6.60 -6.30
CA HIS A 938 28.11 6.90 -5.37
C HIS A 938 28.33 6.22 -4.02
N PRO A 939 28.10 6.94 -2.91
CA PRO A 939 28.28 6.36 -1.58
C PRO A 939 27.35 5.19 -1.33
N SER A 940 27.87 4.24 -0.57
CA SER A 940 27.22 2.97 -0.32
C SER A 940 26.81 3.03 1.13
N ALA A 941 25.54 3.39 1.35
CA ALA A 941 25.05 3.76 2.67
C ALA A 941 24.69 2.51 3.49
N ARG A 942 24.72 2.64 4.82
CA ARG A 942 24.28 1.66 5.80
C ARG A 942 22.98 0.98 5.36
N GLU A 943 22.94 -0.33 5.61
CA GLU A 943 21.86 -1.12 5.08
C GLU A 943 20.46 -0.74 5.60
N ASP A 944 20.34 0.00 6.69
CA ASP A 944 18.99 0.27 7.19
C ASP A 944 18.40 1.51 6.50
N LEU A 945 19.17 2.13 5.59
CA LEU A 945 18.84 3.39 4.95
C LEU A 945 18.49 3.17 3.47
N ASP A 946 17.36 3.74 3.03
CA ASP A 946 16.91 3.67 1.66
C ASP A 946 16.61 5.10 1.14
N VAL A 947 16.95 5.38 -0.14
CA VAL A 947 16.53 6.59 -0.84
C VAL A 947 15.23 6.18 -1.52
N SER A 948 14.12 6.29 -0.78
CA SER A 948 12.80 5.84 -1.24
C SER A 948 12.37 6.60 -2.49
N VAL A 949 12.60 7.93 -2.55
CA VAL A 949 12.26 8.71 -3.73
C VAL A 949 13.47 9.53 -4.14
N MET A 950 13.81 9.45 -5.45
CA MET A 950 14.60 10.46 -6.09
C MET A 950 13.78 11.00 -7.24
N ARG A 951 13.48 12.31 -7.21
CA ARG A 951 12.60 12.86 -8.26
C ARG A 951 13.06 14.26 -8.66
N ARG A 952 13.39 14.51 -9.96
CA ARG A 952 13.73 15.88 -10.34
C ARG A 952 12.46 16.74 -10.25
N LEU A 953 12.56 17.96 -9.72
CA LEU A 953 11.32 18.71 -9.46
C LEU A 953 11.08 19.84 -10.46
N THR A 954 12.03 20.13 -11.37
CA THR A 954 12.00 21.28 -12.29
C THR A 954 12.13 20.78 -13.72
N LYS A 955 11.46 21.44 -14.67
CA LYS A 955 11.69 21.20 -16.11
C LYS A 955 12.98 21.88 -16.56
N SER A 956 13.39 21.59 -17.79
CA SER A 956 14.62 22.16 -18.32
C SER A 956 14.56 23.68 -18.36
N SER A 957 13.35 24.28 -18.44
CA SER A 957 13.14 25.70 -18.69
C SER A 957 13.37 26.55 -17.43
N ALA A 958 13.68 25.93 -16.29
CA ALA A 958 13.93 26.70 -15.07
C ALA A 958 15.42 27.01 -14.99
N LYS A 959 15.81 28.18 -14.43
CA LYS A 959 17.24 28.52 -14.35
C LYS A 959 17.90 27.68 -13.26
N THR A 960 17.18 27.41 -12.15
CA THR A 960 17.69 26.59 -11.05
C THR A 960 17.03 25.22 -11.06
N GLN A 961 17.84 24.20 -11.36
CA GLN A 961 17.47 22.81 -11.25
C GLN A 961 17.30 22.43 -9.77
N ARG A 962 16.32 21.55 -9.47
CA ARG A 962 15.99 21.14 -8.12
C ARG A 962 15.56 19.67 -8.10
N VAL A 963 16.10 18.94 -7.11
CA VAL A 963 15.86 17.50 -7.02
C VAL A 963 15.37 17.19 -5.62
N GLY A 964 14.30 16.40 -5.54
CA GLY A 964 13.82 16.03 -4.21
C GLY A 964 14.20 14.59 -3.89
N TYR A 965 14.52 14.31 -2.61
CA TYR A 965 14.89 13.00 -2.11
C TYR A 965 13.99 12.74 -0.90
N VAL A 966 13.33 11.57 -0.87
CA VAL A 966 12.80 10.97 0.35
C VAL A 966 13.73 9.88 0.92
N LEU A 967 14.14 10.04 2.18
CA LEU A 967 14.97 9.05 2.87
C LEU A 967 14.19 8.41 3.99
N HIS A 968 14.23 7.07 3.98
CA HIS A 968 13.67 6.30 5.08
C HIS A 968 14.77 5.51 5.75
N ARG A 969 14.87 5.61 7.08
CA ARG A 969 15.75 4.72 7.82
C ARG A 969 14.87 3.80 8.62
N THR A 970 15.05 2.51 8.42
CA THR A 970 14.25 1.51 9.15
C THR A 970 14.97 1.20 10.47
N ASN A 971 14.52 0.21 11.24
CA ASN A 971 15.27 -0.25 12.40
C ASN A 971 15.34 -1.78 12.36
N LEU A 972 16.56 -2.28 12.43
CA LEU A 972 16.85 -3.69 12.32
C LEU A 972 17.34 -4.21 13.66
N MET A 973 17.00 -5.45 14.01
CA MET A 973 17.62 -6.05 15.21
C MET A 973 19.12 -6.20 15.04
N GLN A 974 19.82 -5.70 16.08
CA GLN A 974 21.24 -5.84 16.36
C GLN A 974 21.41 -7.30 16.83
N CYS A 975 22.04 -8.15 16.01
CA CYS A 975 22.29 -9.54 16.35
C CYS A 975 23.78 -9.68 16.55
N GLY A 976 24.47 -8.53 16.61
CA GLY A 976 25.92 -8.40 16.65
C GLY A 976 26.60 -9.09 15.47
N THR A 977 26.08 -8.93 14.24
CA THR A 977 26.43 -9.74 13.05
C THR A 977 27.44 -9.04 12.16
N GLU A 980 30.00 -3.73 8.79
CA GLU A 980 30.45 -3.76 7.36
C GLU A 980 30.73 -2.33 6.89
N HIS A 981 31.62 -2.19 5.89
CA HIS A 981 32.18 -0.92 5.39
C HIS A 981 31.07 -0.12 4.69
N THR A 982 30.75 1.08 5.20
CA THR A 982 29.77 1.97 4.60
C THR A 982 30.27 3.43 4.58
N GLN A 983 29.75 4.26 3.67
CA GLN A 983 30.11 5.67 3.60
C GLN A 983 28.88 6.53 3.94
N LYS A 984 29.06 7.74 4.51
CA LYS A 984 28.04 8.79 4.69
C LYS A 984 27.39 9.13 3.35
N LEU A 985 26.06 9.09 3.28
CA LEU A 985 25.41 9.52 2.06
C LEU A 985 24.76 10.88 2.36
N ASP A 986 25.07 11.87 1.51
CA ASP A 986 24.54 13.22 1.59
C ASP A 986 23.87 13.49 0.25
N VAL A 987 22.54 13.45 0.28
CA VAL A 987 21.76 13.61 -0.92
C VAL A 987 21.96 15.01 -1.53
N CYS A 988 22.36 15.97 -0.70
CA CYS A 988 22.47 17.35 -1.18
C CYS A 988 23.62 17.45 -2.19
N HIS A 989 24.63 16.57 -2.04
CA HIS A 989 25.82 16.57 -2.91
C HIS A 989 25.78 15.51 -4.00
N LEU A 990 24.78 14.60 -4.02
CA LEU A 990 24.65 13.62 -5.09
C LEU A 990 24.81 14.25 -6.48
N LEU A 991 24.20 15.40 -6.71
CA LEU A 991 24.34 15.91 -8.06
C LEU A 991 25.27 17.10 -8.02
N PRO A 992 25.97 17.47 -9.14
CA PRO A 992 27.05 18.48 -9.04
C PRO A 992 26.44 19.88 -8.80
N ASN A 993 27.22 20.80 -8.21
CA ASN A 993 26.96 22.25 -8.22
C ASN A 993 25.72 22.62 -7.41
N VAL A 994 25.63 21.97 -6.24
CA VAL A 994 24.69 22.34 -5.21
C VAL A 994 24.92 23.82 -4.83
N ALA A 995 23.86 24.62 -4.98
CA ALA A 995 23.72 26.01 -4.57
C ALA A 995 22.82 26.12 -3.32
N ARG A 996 21.94 25.12 -3.08
CA ARG A 996 20.98 25.16 -1.96
C ARG A 996 20.54 23.76 -1.56
N CYS A 997 20.35 23.56 -0.26
CA CYS A 997 19.73 22.36 0.26
C CYS A 997 18.81 22.66 1.45
N GLU A 998 17.57 22.10 1.41
CA GLU A 998 16.49 22.37 2.36
C GLU A 998 16.02 21.00 2.87
N ARG A 999 15.89 20.80 4.18
CA ARG A 999 14.99 19.77 4.71
C ARG A 999 13.53 20.25 4.59
N THR A 1000 12.68 19.36 4.06
CA THR A 1000 11.35 19.70 3.55
C THR A 1000 10.37 18.70 4.15
N THR A 1001 9.07 19.08 4.14
CA THR A 1001 8.02 18.07 4.23
C THR A 1001 8.19 17.00 3.15
N LEU A 1002 7.60 15.82 3.42
CA LEU A 1002 7.64 14.63 2.59
C LEU A 1002 7.11 14.84 1.18
N THR A 1003 6.14 15.76 1.02
CA THR A 1003 5.61 16.12 -0.28
C THR A 1003 6.54 17.12 -1.00
N PHE A 1004 7.63 17.56 -0.35
CA PHE A 1004 8.58 18.53 -0.90
C PHE A 1004 7.97 19.95 -0.96
N LEU A 1005 6.89 20.28 -0.23
CA LEU A 1005 6.17 21.53 -0.54
C LEU A 1005 6.51 22.67 0.40
N GLN A 1006 7.07 22.38 1.57
CA GLN A 1006 7.49 23.40 2.53
C GLN A 1006 8.89 23.07 3.05
N ASN A 1007 9.65 24.14 3.32
CA ASN A 1007 10.97 24.06 3.93
C ASN A 1007 10.78 23.86 5.43
N LEU A 1008 11.47 22.87 6.02
CA LEU A 1008 11.41 22.83 7.46
C LEU A 1008 12.75 23.28 8.06
N GLU A 1009 13.87 23.14 7.34
CA GLU A 1009 15.13 23.63 7.87
C GLU A 1009 16.06 23.99 6.71
N HIS A 1010 16.59 25.21 6.70
CA HIS A 1010 17.58 25.60 5.70
C HIS A 1010 18.91 24.96 6.12
N LEU A 1011 19.63 24.31 5.19
CA LEU A 1011 20.84 23.62 5.67
C LEU A 1011 22.03 24.47 5.20
N ASP A 1012 22.63 25.22 6.13
CA ASP A 1012 23.68 26.20 5.91
C ASP A 1012 24.85 25.53 5.20
N GLY A 1013 25.28 24.37 5.72
CA GLY A 1013 26.25 23.50 5.10
C GLY A 1013 25.89 23.04 3.68
N MET A 1014 24.60 22.96 3.32
CA MET A 1014 24.12 22.14 2.20
C MET A 1014 24.52 20.66 2.35
N VAL A 1015 24.65 20.18 3.59
CA VAL A 1015 24.88 18.78 3.89
C VAL A 1015 23.63 18.29 4.64
N ALA A 1016 22.98 17.19 4.17
CA ALA A 1016 21.82 16.60 4.82
C ALA A 1016 22.23 15.94 6.14
N PRO A 1017 21.56 16.28 7.28
CA PRO A 1017 21.75 15.62 8.59
C PRO A 1017 21.51 14.10 8.57
N GLU A 1018 22.08 13.34 9.54
CA GLU A 1018 21.82 11.89 9.69
C GLU A 1018 20.34 11.72 10.01
N VAL A 1019 19.67 10.66 9.48
CA VAL A 1019 18.29 10.35 9.87
C VAL A 1019 18.19 9.22 10.91
N CYS A 1020 17.21 9.26 11.84
CA CYS A 1020 17.13 8.34 12.99
C CYS A 1020 16.44 7.04 12.63
N PRO A 1021 16.65 5.90 13.36
CA PRO A 1021 15.88 4.68 13.09
C PRO A 1021 14.37 4.96 13.13
N MET A 1022 13.66 4.55 12.07
CA MET A 1022 12.21 4.59 11.97
C MET A 1022 11.73 5.99 11.61
N GLU A 1023 12.63 6.86 11.14
CA GLU A 1023 12.28 8.16 10.63
C GLU A 1023 12.36 8.18 9.09
N THR A 1024 11.59 9.12 8.53
CA THR A 1024 11.60 9.40 7.11
C THR A 1024 11.81 10.91 7.03
N ALA A 1025 12.73 11.32 6.18
CA ALA A 1025 12.96 12.73 6.00
C ALA A 1025 13.01 13.02 4.51
N ALA A 1026 12.88 14.32 4.16
CA ALA A 1026 12.88 14.75 2.79
C ALA A 1026 13.75 16.00 2.66
N TYR A 1027 14.51 15.99 1.55
CA TYR A 1027 15.45 17.03 1.20
C TYR A 1027 15.18 17.47 -0.21
N VAL A 1028 15.35 18.78 -0.46
CA VAL A 1028 15.38 19.32 -1.82
C VAL A 1028 16.70 20.07 -2.03
N SER A 1029 17.44 19.66 -3.09
CA SER A 1029 18.75 20.18 -3.46
C SER A 1029 18.56 21.06 -4.70
N SER A 1030 19.10 22.29 -4.65
CA SER A 1030 19.08 23.20 -5.79
C SER A 1030 20.47 23.17 -6.46
N HIS A 1031 20.50 23.27 -7.80
CA HIS A 1031 21.77 23.20 -8.53
C HIS A 1031 21.93 24.39 -9.47
N SER A 1032 23.17 24.88 -9.59
CA SER A 1032 23.43 25.95 -10.55
C SER A 1032 24.14 25.34 -11.76
#